data_6VZH
#
_entry.id   6VZH
#
_cell.length_a   92.158
_cell.length_b   95.641
_cell.length_c   192.593
_cell.angle_alpha   90.000
_cell.angle_beta   90.000
_cell.angle_gamma   90.000
#
_symmetry.space_group_name_H-M   'P 21 21 21'
#
loop_
_entity.id
_entity.type
_entity.pdbx_description
1 polymer 'Serine/threonine-protein kinase VRK1'
2 non-polymer 'SULFATE ION'
3 non-polymer (7~{R})-2-[[3,5-bis(fluoranyl)-4-oxidanyl-phenyl]amino]-5,7-dimethyl-8-prop-2-ynyl-7~{H}-pteridin-6-one
4 non-polymer 1,2-ETHANEDIOL
5 water water
#
_entity_poly.entity_id   1
_entity_poly.type   'polypeptide(L)'
_entity_poly.pdbx_seq_one_letter_code
;SMRVKAAQAGRQSSAKRHLAEQFAVGEIITDMAAAAWKVGLPIGQGGFGCIYLADMNSSESVGSDAPCVVKVEPSDNGPL
FTELKFYQRAAKPEQIQKWIRTRKLKYLGVPKYWGSGLHDKNGKSYRFMIMDRFGSDLQKIYEANAKRFSRKTVLQLSLR
ILDILEYIHEHEYVHGDIKASNLLLNYKNPDQVYLVDYGLAYRYCPEGVHKAYAADPKRCHDGTIEFTSIDAHNGVAPSR
RGDLEILGYCMIQWLTGHLPWEDNLKDPKYVRDSKIRYRENIASLMDKCFPAANAPGEIAKYMETVKLLDYTEKPLYENL
RDILLQGLKAIGSKDDGKLDLSVVENGGLKAKTITKKRAAEIEE
;
_entity_poly.pdbx_strand_id   A,B,C,D
#
loop_
_chem_comp.id
_chem_comp.type
_chem_comp.name
_chem_comp.formula
EDO non-polymer 1,2-ETHANEDIOL 'C2 H6 O2'
RYA non-polymer (7~{R})-2-[[3,5-bis(fluoranyl)-4-oxidanyl-phenyl]amino]-5,7-dimethyl-8-prop-2-ynyl-7~{H}-pteridin-6-one 'C17 H15 F2 N5 O2'
SO4 non-polymer 'SULFATE ION' 'O4 S -2'
#
# COMPACT_ATOMS: atom_id res chain seq x y z
N ALA A 20 34.59 15.60 -46.27
CA ALA A 20 35.28 14.37 -45.92
C ALA A 20 34.28 13.21 -45.90
N GLU A 21 34.26 12.39 -46.94
CA GLU A 21 33.34 11.26 -46.98
C GLU A 21 33.69 10.30 -45.84
N GLN A 22 32.70 9.84 -45.11
CA GLN A 22 32.92 8.88 -44.03
C GLN A 22 33.39 7.49 -44.49
N PHE A 23 32.83 7.02 -45.59
CA PHE A 23 33.14 5.68 -46.11
C PHE A 23 33.44 5.64 -47.60
N ALA A 24 34.08 4.55 -48.02
CA ALA A 24 34.34 4.30 -49.43
C ALA A 24 33.11 3.51 -49.83
N VAL A 25 32.46 3.91 -50.91
CA VAL A 25 31.19 3.26 -51.34
C VAL A 25 31.53 1.81 -51.69
N GLY A 26 30.91 0.83 -51.03
CA GLY A 26 31.16 -0.61 -51.28
C GLY A 26 32.06 -1.24 -50.21
N GLU A 27 32.77 -0.44 -49.41
CA GLU A 27 33.60 -0.84 -48.25
C GLU A 27 32.81 -1.83 -47.39
N ILE A 28 33.52 -2.81 -46.85
CA ILE A 28 33.01 -3.75 -45.82
C ILE A 28 33.44 -3.22 -44.46
N ILE A 29 32.48 -3.05 -43.56
CA ILE A 29 32.72 -2.57 -42.17
C ILE A 29 32.27 -3.67 -41.22
N THR A 30 33.04 -3.91 -40.16
CA THR A 30 32.70 -4.94 -39.20
C THR A 30 32.36 -4.30 -37.87
N ASP A 31 31.20 -4.68 -37.33
CA ASP A 31 30.75 -4.14 -36.05
C ASP A 31 31.42 -4.85 -34.87
N MET A 32 31.18 -4.33 -33.67
CA MET A 32 31.79 -4.86 -32.46
C MET A 32 31.42 -6.32 -32.23
N ALA A 33 30.25 -6.70 -32.72
CA ALA A 33 29.74 -8.07 -32.57
C ALA A 33 30.32 -9.00 -33.64
N ALA A 34 31.17 -8.42 -34.49
CA ALA A 34 31.91 -9.04 -35.61
C ALA A 34 31.07 -9.30 -36.85
N ALA A 35 29.86 -8.78 -36.88
CA ALA A 35 29.00 -8.92 -38.04
C ALA A 35 29.55 -8.00 -39.12
N ALA A 36 29.50 -8.45 -40.37
CA ALA A 36 30.01 -7.66 -41.51
C ALA A 36 28.84 -7.03 -42.27
N TRP A 37 29.06 -5.81 -42.82
CA TRP A 37 28.08 -4.98 -43.58
C TRP A 37 28.80 -4.33 -44.76
N LYS A 38 28.11 -4.09 -45.89
CA LYS A 38 28.64 -3.28 -47.03
C LYS A 38 27.91 -1.92 -46.98
N VAL A 39 28.62 -0.85 -47.33
CA VAL A 39 28.11 0.56 -47.26
C VAL A 39 27.75 0.99 -48.69
N GLY A 40 26.54 1.55 -48.86
CA GLY A 40 26.03 2.03 -50.14
C GLY A 40 26.00 3.55 -50.21
N LEU A 41 25.21 4.11 -51.14
CA LEU A 41 25.05 5.54 -51.31
C LEU A 41 24.17 6.13 -50.21
N PRO A 42 24.25 7.46 -50.03
CA PRO A 42 23.43 8.11 -49.00
C PRO A 42 21.91 8.11 -49.30
N ILE A 43 21.09 8.19 -48.26
CA ILE A 43 19.60 8.01 -48.30
C ILE A 43 18.94 9.28 -47.75
N GLY A 49 21.89 13.65 -40.39
CA GLY A 49 23.14 14.01 -41.10
C GLY A 49 23.61 12.91 -42.05
N CYS A 50 24.79 12.33 -41.76
CA CYS A 50 25.44 11.33 -42.59
C CYS A 50 24.81 9.95 -42.43
N ILE A 51 23.93 9.60 -43.36
CA ILE A 51 23.24 8.33 -43.35
C ILE A 51 23.33 7.67 -44.71
N TYR A 52 23.67 6.39 -44.72
CA TYR A 52 23.82 5.64 -45.96
C TYR A 52 23.17 4.27 -45.92
N LEU A 53 22.78 3.81 -47.10
CA LEU A 53 22.22 2.51 -47.32
C LEU A 53 23.28 1.49 -46.87
N ALA A 54 22.83 0.40 -46.27
CA ALA A 54 23.71 -0.63 -45.71
C ALA A 54 23.00 -1.97 -45.95
N ASP A 55 23.77 -3.04 -46.10
CA ASP A 55 23.24 -4.41 -46.18
C ASP A 55 24.29 -5.34 -45.59
N MET A 56 23.94 -6.61 -45.41
CA MET A 56 24.89 -7.70 -45.06
C MET A 56 25.93 -7.84 -46.20
N ASN A 57 27.19 -8.09 -45.84
CA ASN A 57 28.32 -8.43 -46.75
C ASN A 57 27.90 -9.54 -47.75
N SER A 58 28.27 -9.34 -49.02
CA SER A 58 27.87 -10.12 -50.22
C SER A 58 28.92 -9.93 -51.33
N SER A 59 28.87 -10.79 -52.34
CA SER A 59 29.35 -10.52 -53.72
C SER A 59 28.68 -9.22 -54.21
N GLU A 60 27.35 -9.13 -54.03
CA GLU A 60 26.50 -8.06 -54.61
C GLU A 60 26.70 -6.76 -53.82
N SER A 61 26.94 -5.64 -54.52
CA SER A 61 27.05 -4.31 -53.89
C SER A 61 25.67 -3.86 -53.41
N VAL A 62 25.61 -2.89 -52.50
CA VAL A 62 24.36 -2.46 -51.80
C VAL A 62 23.50 -1.66 -52.79
N GLY A 63 22.18 -1.84 -52.74
CA GLY A 63 21.23 -1.36 -53.78
C GLY A 63 20.17 -0.42 -53.22
N SER A 64 19.19 -0.01 -54.04
CA SER A 64 18.12 0.90 -53.62
C SER A 64 17.05 0.23 -52.77
N ASP A 65 17.05 -1.11 -52.76
CA ASP A 65 16.11 -1.94 -51.94
C ASP A 65 16.77 -2.38 -50.61
N ALA A 66 17.88 -1.78 -50.18
CA ALA A 66 18.55 -2.16 -48.93
C ALA A 66 17.63 -2.26 -47.70
N PRO A 67 17.91 -3.22 -46.80
CA PRO A 67 17.03 -3.31 -45.64
C PRO A 67 17.50 -2.52 -44.42
N CYS A 68 18.72 -2.00 -44.44
CA CYS A 68 19.28 -1.31 -43.30
C CYS A 68 19.96 0.01 -43.64
N VAL A 69 20.20 0.82 -42.64
CA VAL A 69 20.94 2.05 -42.86
C VAL A 69 22.04 2.22 -41.80
N VAL A 70 23.12 2.89 -42.17
CA VAL A 70 24.24 3.13 -41.22
C VAL A 70 24.29 4.65 -40.97
N LYS A 71 24.14 5.05 -39.70
CA LYS A 71 24.38 6.45 -39.24
C LYS A 71 25.84 6.50 -38.80
N VAL A 72 26.60 7.48 -39.26
CA VAL A 72 27.98 7.64 -38.87
C VAL A 72 28.22 9.12 -38.50
N GLU A 73 28.76 9.36 -37.30
CA GLU A 73 29.11 10.69 -36.75
C GLU A 73 30.46 10.58 -36.06
N PRO A 74 31.19 11.69 -35.80
CA PRO A 74 32.39 11.64 -34.97
C PRO A 74 32.14 11.00 -33.59
N SER A 75 33.16 10.35 -33.03
CA SER A 75 33.15 9.64 -31.72
C SER A 75 32.71 10.62 -30.61
N ASP A 76 33.07 11.90 -30.73
CA ASP A 76 32.79 12.96 -29.71
C ASP A 76 31.33 13.46 -29.82
N ASN A 77 30.62 13.23 -30.92
CA ASN A 77 29.19 13.63 -31.11
C ASN A 77 28.34 13.03 -29.99
N GLY A 78 27.80 13.86 -29.11
CA GLY A 78 26.99 13.41 -27.96
C GLY A 78 25.67 12.77 -28.37
N PRO A 79 24.92 13.32 -29.36
CA PRO A 79 23.63 12.79 -29.77
C PRO A 79 23.64 11.36 -30.33
N LEU A 80 24.65 11.01 -31.14
CA LEU A 80 24.75 9.62 -31.65
C LEU A 80 24.99 8.66 -30.48
N PHE A 81 25.83 9.05 -29.51
CA PHE A 81 26.09 8.25 -28.29
C PHE A 81 24.80 8.03 -27.49
N THR A 82 23.92 9.03 -27.42
CA THR A 82 22.64 8.94 -26.66
C THR A 82 21.71 7.95 -27.40
N GLU A 83 21.71 8.05 -28.73
CA GLU A 83 20.84 7.26 -29.63
C GLU A 83 21.28 5.78 -29.58
N LEU A 84 22.59 5.54 -29.70
CA LEU A 84 23.14 4.20 -29.65
C LEU A 84 22.76 3.52 -28.35
N LYS A 85 22.91 4.23 -27.24
CA LYS A 85 22.59 3.66 -25.94
C LYS A 85 21.12 3.29 -25.85
N PHE A 86 20.25 4.14 -26.39
CA PHE A 86 18.83 3.83 -26.35
C PHE A 86 18.52 2.58 -27.16
N TYR A 87 19.11 2.49 -28.35
CA TYR A 87 18.90 1.33 -29.20
C TYR A 87 19.42 0.04 -28.58
N GLN A 88 20.59 0.16 -27.94
CA GLN A 88 21.21 -0.98 -27.28
C GLN A 88 20.39 -1.56 -26.13
N ARG A 89 19.77 -0.68 -25.35
CA ARG A 89 19.00 -1.11 -24.18
C ARG A 89 17.51 -1.31 -24.39
N ALA A 90 16.95 -0.72 -25.44
CA ALA A 90 15.52 -0.88 -25.72
C ALA A 90 15.16 -1.33 -27.13
N ALA A 91 16.14 -1.35 -28.03
CA ALA A 91 15.88 -1.69 -29.44
C ALA A 91 16.35 -3.05 -29.98
N LYS A 92 16.77 -3.97 -29.11
CA LYS A 92 17.22 -5.27 -29.59
C LYS A 92 16.10 -6.01 -30.30
N PRO A 93 16.39 -6.62 -31.47
CA PRO A 93 15.32 -7.29 -32.21
C PRO A 93 14.51 -8.29 -31.36
N GLU A 94 15.20 -9.09 -30.54
CA GLU A 94 14.59 -10.12 -29.64
C GLU A 94 13.69 -9.45 -28.59
N GLN A 95 14.16 -8.35 -27.99
CA GLN A 95 13.45 -7.56 -26.96
C GLN A 95 12.10 -7.03 -27.50
N ILE A 96 12.09 -6.58 -28.74
CA ILE A 96 10.90 -6.03 -29.45
C ILE A 96 9.93 -7.17 -29.79
N GLN A 97 10.44 -8.27 -30.35
CA GLN A 97 9.58 -9.42 -30.74
C GLN A 97 8.91 -9.98 -29.48
N LYS A 98 9.61 -10.07 -28.35
CA LYS A 98 9.01 -10.60 -27.07
C LYS A 98 7.87 -9.67 -26.62
N TRP A 99 8.06 -8.35 -26.75
CA TRP A 99 7.02 -7.35 -26.44
C TRP A 99 5.81 -7.54 -27.37
N ILE A 100 6.03 -7.59 -28.69
CA ILE A 100 4.94 -7.74 -29.71
C ILE A 100 4.15 -9.03 -29.44
N ARG A 101 4.82 -10.10 -29.00
CA ARG A 101 4.17 -11.40 -28.67
C ARG A 101 3.28 -11.22 -27.43
N THR A 102 3.83 -10.71 -26.31
CA THR A 102 3.15 -10.69 -24.99
C THR A 102 2.04 -9.63 -24.95
N ARG A 103 2.15 -8.55 -25.73
CA ARG A 103 1.10 -7.49 -25.79
C ARG A 103 0.15 -7.77 -26.96
N LYS A 104 0.39 -8.81 -27.75
CA LYS A 104 -0.54 -9.24 -28.83
C LYS A 104 -0.74 -8.07 -29.81
N LEU A 105 0.35 -7.48 -30.31
CA LEU A 105 0.38 -6.37 -31.31
C LEU A 105 0.56 -6.93 -32.71
N LYS A 106 0.04 -6.26 -33.75
CA LYS A 106 0.37 -6.61 -35.16
C LYS A 106 1.83 -6.18 -35.44
N TYR A 107 2.36 -5.13 -34.80
CA TYR A 107 3.78 -4.68 -34.93
C TYR A 107 4.10 -3.66 -33.82
N LEU A 108 5.33 -3.20 -33.76
CA LEU A 108 5.73 -2.18 -32.80
C LEU A 108 6.50 -1.17 -33.62
N GLY A 109 6.18 0.12 -33.49
CA GLY A 109 6.89 1.11 -34.28
C GLY A 109 8.18 1.65 -33.71
N VAL A 110 9.11 0.75 -33.40
CA VAL A 110 10.41 1.14 -32.90
C VAL A 110 11.41 0.50 -33.83
N PRO A 111 12.33 1.30 -34.38
CA PRO A 111 13.30 0.68 -35.29
C PRO A 111 14.21 -0.33 -34.56
N LYS A 112 14.72 -1.32 -35.29
CA LYS A 112 15.56 -2.39 -34.72
C LYS A 112 17.02 -1.97 -34.82
N TYR A 113 17.81 -2.35 -33.81
CA TYR A 113 19.25 -2.11 -33.74
C TYR A 113 19.93 -3.37 -34.29
N TRP A 114 20.79 -3.21 -35.28
CA TRP A 114 21.47 -4.34 -35.97
C TRP A 114 22.94 -4.43 -35.56
N GLY A 115 23.52 -3.35 -35.02
CA GLY A 115 24.94 -3.33 -34.62
C GLY A 115 25.52 -1.93 -34.65
N SER A 116 26.76 -1.81 -34.19
CA SER A 116 27.51 -0.55 -34.01
C SER A 116 28.99 -0.87 -33.82
N GLY A 117 29.84 0.12 -34.05
CA GLY A 117 31.28 0.03 -33.84
C GLY A 117 31.95 1.38 -33.91
N LEU A 118 33.27 1.34 -34.03
CA LEU A 118 34.17 2.50 -34.24
C LEU A 118 34.87 2.30 -35.58
N HIS A 119 35.07 3.39 -36.32
CA HIS A 119 35.67 3.35 -37.63
C HIS A 119 36.62 4.55 -37.79
N ASP A 120 37.90 4.28 -38.05
CA ASP A 120 38.93 5.33 -38.23
C ASP A 120 38.99 5.66 -39.73
N LYS A 121 39.17 6.95 -40.07
CA LYS A 121 39.33 7.37 -41.43
C LYS A 121 40.06 8.73 -41.33
N ASN A 122 41.20 8.83 -42.02
CA ASN A 122 42.05 10.05 -42.08
C ASN A 122 42.39 10.51 -40.65
N GLY A 123 42.57 9.57 -39.71
CA GLY A 123 43.07 9.82 -38.34
C GLY A 123 42.06 10.49 -37.39
N LYS A 124 40.75 10.49 -37.71
CA LYS A 124 39.66 10.90 -36.79
C LYS A 124 38.84 9.65 -36.44
N SER A 125 38.34 9.54 -35.20
CA SER A 125 37.49 8.41 -34.73
C SER A 125 36.00 8.74 -35.00
N TYR A 126 35.27 7.78 -35.58
CA TYR A 126 33.86 7.93 -35.83
C TYR A 126 33.14 6.76 -35.16
N ARG A 127 31.85 6.96 -34.91
CA ARG A 127 30.92 5.96 -34.33
C ARG A 127 29.91 5.63 -35.42
N PHE A 128 29.54 4.37 -35.60
CA PHE A 128 28.47 4.01 -36.57
C PHE A 128 27.47 3.10 -35.91
N MET A 129 26.27 3.08 -36.46
CA MET A 129 25.11 2.35 -35.93
C MET A 129 24.31 1.86 -37.13
N ILE A 130 24.00 0.55 -37.17
CA ILE A 130 23.16 -0.05 -38.24
C ILE A 130 21.74 -0.15 -37.68
N MET A 131 20.76 0.33 -38.46
CA MET A 131 19.33 0.25 -38.07
C MET A 131 18.44 -0.07 -39.27
N ASP A 132 17.17 -0.46 -39.11
CA ASP A 132 16.23 -0.67 -40.22
C ASP A 132 16.09 0.53 -41.18
N ARG A 133 15.73 0.27 -42.43
CA ARG A 133 15.54 1.34 -43.41
C ARG A 133 14.04 1.57 -43.59
N PHE A 134 13.62 2.82 -43.66
CA PHE A 134 12.22 3.12 -43.84
C PHE A 134 11.91 3.89 -45.11
N GLY A 135 10.62 4.12 -45.32
CA GLY A 135 10.11 4.85 -46.45
C GLY A 135 10.00 6.33 -46.17
N SER A 136 9.20 7.03 -46.95
CA SER A 136 9.02 8.46 -46.80
C SER A 136 8.41 8.83 -45.45
N ASP A 137 8.80 10.00 -44.95
CA ASP A 137 8.28 10.50 -43.67
C ASP A 137 6.84 10.94 -43.81
N LEU A 138 6.13 11.02 -42.69
CA LEU A 138 4.70 11.40 -42.72
C LEU A 138 4.54 12.87 -43.14
N GLN A 139 5.51 13.72 -42.85
CA GLN A 139 5.46 15.18 -43.16
C GLN A 139 5.37 15.38 -44.68
N LYS A 140 6.17 14.66 -45.49
CA LYS A 140 6.13 14.78 -46.99
C LYS A 140 4.71 14.42 -47.47
N ILE A 141 4.09 13.41 -46.84
CA ILE A 141 2.73 12.89 -47.18
C ILE A 141 1.67 13.91 -46.75
N TYR A 142 1.78 14.42 -45.52
CA TYR A 142 0.95 15.49 -44.94
C TYR A 142 0.87 16.66 -45.93
N GLU A 143 2.02 17.13 -46.39
CA GLU A 143 2.14 18.30 -47.29
C GLU A 143 1.53 17.97 -48.65
N ALA A 144 1.74 16.75 -49.14
CA ALA A 144 1.17 16.25 -50.42
C ALA A 144 -0.35 16.13 -50.33
N ASN A 145 -0.89 15.96 -49.11
CA ASN A 145 -2.36 15.83 -48.87
C ASN A 145 -2.97 17.19 -48.43
N ALA A 146 -2.28 18.32 -48.72
CA ALA A 146 -2.71 19.72 -48.44
C ALA A 146 -2.79 19.99 -46.93
N LYS A 147 -1.76 19.58 -46.19
CA LYS A 147 -1.64 19.72 -44.72
C LYS A 147 -2.95 19.32 -44.02
N ARG A 148 -3.57 18.20 -44.41
CA ARG A 148 -4.63 17.48 -43.65
C ARG A 148 -4.38 15.95 -43.62
N PHE A 149 -4.80 15.30 -42.55
CA PHE A 149 -5.02 13.83 -42.44
C PHE A 149 -6.46 13.61 -41.97
N SER A 150 -7.17 12.64 -42.54
CA SER A 150 -8.54 12.26 -42.13
C SER A 150 -8.56 11.92 -40.63
N ARG A 151 -9.74 11.99 -40.02
CA ARG A 151 -9.98 11.51 -38.64
C ARG A 151 -9.54 10.03 -38.51
N LYS A 152 -9.89 9.18 -39.49
CA LYS A 152 -9.49 7.75 -39.49
C LYS A 152 -7.96 7.68 -39.36
N THR A 153 -7.24 8.29 -40.29
CA THR A 153 -5.75 8.28 -40.32
C THR A 153 -5.17 8.74 -38.97
N VAL A 154 -5.67 9.85 -38.43
CA VAL A 154 -5.13 10.44 -37.16
C VAL A 154 -5.37 9.45 -36.01
N LEU A 155 -6.58 8.91 -35.90
CA LEU A 155 -6.93 7.92 -34.85
C LEU A 155 -6.00 6.70 -34.98
N GLN A 156 -5.81 6.18 -36.20
CA GLN A 156 -5.00 4.96 -36.43
C GLN A 156 -3.53 5.25 -36.12
N LEU A 157 -2.99 6.39 -36.56
CA LEU A 157 -1.58 6.78 -36.28
C LEU A 157 -1.37 6.83 -34.77
N SER A 158 -2.35 7.37 -34.05
CA SER A 158 -2.22 7.75 -32.62
C SER A 158 -2.22 6.50 -31.77
N LEU A 159 -3.06 5.51 -32.12
CA LEU A 159 -3.10 4.19 -31.45
C LEU A 159 -1.72 3.51 -31.52
N ARG A 160 -1.02 3.62 -32.65
CA ARG A 160 0.30 2.99 -32.88
C ARG A 160 1.38 3.79 -32.14
N ILE A 161 1.23 5.11 -32.06
CA ILE A 161 2.16 5.97 -31.35
C ILE A 161 2.09 5.68 -29.86
N LEU A 162 0.87 5.53 -29.36
CA LEU A 162 0.64 5.17 -27.94
C LEU A 162 1.36 3.84 -27.63
N ASP A 163 1.27 2.86 -28.54
CA ASP A 163 1.99 1.57 -28.45
C ASP A 163 3.51 1.88 -28.29
N ILE A 164 4.08 2.67 -29.20
CA ILE A 164 5.52 3.05 -29.21
C ILE A 164 5.88 3.75 -27.90
N LEU A 165 5.04 4.71 -27.52
CA LEU A 165 5.27 5.49 -26.32
C LEU A 165 5.30 4.59 -25.12
N GLU A 166 4.26 3.77 -24.94
CA GLU A 166 4.16 2.83 -23.78
C GLU A 166 5.45 2.02 -23.73
N TYR A 167 5.93 1.58 -24.88
CA TYR A 167 7.10 0.68 -24.97
C TYR A 167 8.32 1.43 -24.40
N ILE A 168 8.70 2.55 -25.01
CA ILE A 168 9.94 3.27 -24.60
C ILE A 168 9.81 3.74 -23.14
N HIS A 169 8.61 4.15 -22.71
CA HIS A 169 8.39 4.61 -21.29
C HIS A 169 8.68 3.45 -20.34
N GLU A 170 8.17 2.24 -20.64
CA GLU A 170 8.37 1.06 -19.76
C GLU A 170 9.85 0.67 -19.79
N HIS A 171 10.59 1.18 -20.75
CA HIS A 171 12.02 0.91 -20.89
C HIS A 171 12.88 2.08 -20.43
N GLU A 172 12.29 2.93 -19.59
CA GLU A 172 12.89 4.13 -18.96
C GLU A 172 13.25 5.31 -19.86
N TYR A 173 12.59 5.45 -21.01
CA TYR A 173 12.90 6.54 -21.91
C TYR A 173 11.74 7.34 -22.46
N VAL A 174 11.90 8.66 -22.57
CA VAL A 174 10.90 9.48 -23.28
C VAL A 174 11.59 10.06 -24.51
N HIS A 175 10.81 10.35 -25.53
CA HIS A 175 11.30 10.89 -26.77
C HIS A 175 11.37 12.41 -26.69
N GLY A 176 10.22 13.05 -26.48
CA GLY A 176 10.14 14.50 -26.35
C GLY A 176 10.12 15.30 -27.64
N ASP A 177 10.12 14.63 -28.79
CA ASP A 177 10.13 15.32 -30.06
C ASP A 177 9.24 14.66 -31.12
N ILE A 178 8.08 14.15 -30.73
CA ILE A 178 7.22 13.52 -31.71
C ILE A 178 6.72 14.52 -32.74
N LYS A 179 6.78 14.15 -34.02
CA LYS A 179 6.29 15.00 -35.10
C LYS A 179 6.26 14.17 -36.40
N ALA A 180 5.53 14.66 -37.39
CA ALA A 180 5.36 13.96 -38.68
C ALA A 180 6.73 13.63 -39.28
N SER A 181 7.72 14.54 -39.20
CA SER A 181 9.05 14.38 -39.84
C SER A 181 9.88 13.30 -39.12
N ASN A 182 9.49 12.89 -37.92
CA ASN A 182 10.14 11.83 -37.12
C ASN A 182 9.31 10.53 -37.16
N LEU A 183 8.28 10.44 -38.01
CA LEU A 183 7.39 9.24 -38.13
C LEU A 183 7.47 8.65 -39.56
N LEU A 184 8.23 7.56 -39.76
CA LEU A 184 8.61 6.96 -41.07
C LEU A 184 7.77 5.71 -41.33
N LEU A 185 7.44 5.46 -42.57
CA LEU A 185 6.67 4.28 -42.85
C LEU A 185 7.58 3.16 -43.28
N ASN A 186 7.19 1.95 -42.92
CA ASN A 186 7.81 0.69 -43.37
C ASN A 186 7.97 0.77 -44.90
N TYR A 187 9.17 0.55 -45.45
CA TYR A 187 9.36 0.66 -46.89
C TYR A 187 8.55 -0.38 -47.66
N LYS A 188 8.21 -1.49 -47.00
CA LYS A 188 7.44 -2.60 -47.65
C LYS A 188 5.96 -2.58 -47.22
N ASN A 189 5.60 -1.98 -46.08
CA ASN A 189 4.19 -1.94 -45.58
C ASN A 189 3.79 -0.51 -45.21
N PRO A 190 3.02 0.19 -46.08
CA PRO A 190 2.57 1.56 -45.80
C PRO A 190 1.55 1.76 -44.67
N ASP A 191 1.12 0.70 -43.97
CA ASP A 191 0.15 0.78 -42.85
C ASP A 191 0.88 0.73 -41.50
N GLN A 192 2.21 0.74 -41.51
CA GLN A 192 3.04 0.61 -40.29
C GLN A 192 3.99 1.80 -40.18
N VAL A 193 3.82 2.56 -39.10
CA VAL A 193 4.56 3.81 -38.85
C VAL A 193 5.52 3.55 -37.68
N TYR A 194 6.75 4.04 -37.81
CA TYR A 194 7.83 3.93 -36.81
C TYR A 194 8.22 5.35 -36.34
N LEU A 195 8.67 5.46 -35.10
CA LEU A 195 9.14 6.73 -34.53
C LEU A 195 10.67 6.69 -34.45
N VAL A 196 11.32 7.72 -35.00
CA VAL A 196 12.78 7.79 -35.06
C VAL A 196 13.42 8.98 -34.33
N ASP A 197 14.70 9.23 -34.61
CA ASP A 197 15.48 10.32 -34.03
C ASP A 197 15.60 10.40 -32.50
N TYR A 198 16.13 9.33 -31.90
CA TYR A 198 16.28 9.24 -30.45
C TYR A 198 17.58 9.89 -29.98
N GLY A 199 18.14 10.76 -30.81
CA GLY A 199 19.38 11.45 -30.49
C GLY A 199 19.25 12.31 -29.26
N LEU A 200 18.11 12.97 -29.12
CA LEU A 200 17.84 13.85 -27.99
C LEU A 200 16.95 13.20 -26.92
N ALA A 201 16.83 11.88 -26.98
CA ALA A 201 16.04 11.11 -26.01
C ALA A 201 16.49 11.26 -24.54
N TYR A 202 15.60 10.98 -23.61
CA TYR A 202 15.98 11.24 -22.21
C TYR A 202 15.57 10.05 -21.36
N ARG A 203 16.50 9.64 -20.52
CA ARG A 203 16.31 8.51 -19.57
C ARG A 203 15.77 9.13 -18.29
N TYR A 204 14.45 9.28 -18.27
CA TYR A 204 13.69 9.85 -17.16
C TYR A 204 13.72 9.05 -15.86
N CYS A 205 13.74 7.72 -15.97
CA CYS A 205 13.68 6.85 -14.81
C CYS A 205 14.77 5.80 -14.82
N PRO A 206 16.02 6.22 -14.59
CA PRO A 206 17.09 5.23 -14.59
C PRO A 206 17.02 4.32 -13.37
N GLU A 207 17.16 3.03 -13.62
CA GLU A 207 17.16 1.97 -12.58
C GLU A 207 15.90 2.11 -11.72
N GLY A 208 14.80 2.57 -12.33
CA GLY A 208 13.47 2.67 -11.71
C GLY A 208 13.24 3.94 -10.88
N VAL A 209 14.20 4.86 -10.84
CA VAL A 209 14.13 6.11 -10.01
C VAL A 209 13.82 7.32 -10.91
N HIS A 210 12.60 7.87 -10.84
CA HIS A 210 12.20 9.01 -11.65
C HIS A 210 13.01 10.26 -11.31
N LYS A 211 13.38 11.04 -12.32
CA LYS A 211 14.12 12.28 -12.11
C LYS A 211 13.19 13.31 -11.45
N ALA A 212 13.76 14.18 -10.66
CA ALA A 212 13.00 15.19 -9.94
C ALA A 212 12.48 16.22 -10.91
N TYR A 213 11.53 17.03 -10.46
CA TYR A 213 10.95 18.08 -11.30
C TYR A 213 11.90 19.27 -11.27
N ALA A 214 12.92 19.18 -12.11
CA ALA A 214 13.96 20.17 -12.22
C ALA A 214 14.68 19.97 -13.54
N ALA A 215 15.56 20.91 -13.84
CA ALA A 215 16.39 20.93 -15.06
C ALA A 215 17.50 19.87 -14.96
N ASP A 216 17.73 19.12 -16.03
CA ASP A 216 18.91 18.22 -16.19
C ASP A 216 20.07 18.99 -16.84
N PRO A 217 21.22 19.16 -16.16
CA PRO A 217 22.28 20.06 -16.65
C PRO A 217 22.91 19.58 -17.97
N LYS A 218 22.93 18.26 -18.20
CA LYS A 218 23.51 17.64 -19.43
C LYS A 218 22.61 17.94 -20.64
N ARG A 219 21.33 18.21 -20.40
CA ARG A 219 20.40 18.43 -21.50
C ARG A 219 20.11 19.89 -21.78
N CYS A 220 20.26 20.29 -23.04
CA CYS A 220 19.97 21.66 -23.44
C CYS A 220 18.92 21.81 -24.54
N HIS A 221 18.14 20.76 -24.81
CA HIS A 221 17.13 20.87 -25.88
C HIS A 221 15.70 20.97 -25.36
N ASP A 222 14.95 21.92 -25.91
CA ASP A 222 13.55 22.09 -25.50
C ASP A 222 12.54 21.39 -26.43
N GLY A 223 13.02 20.76 -27.50
CA GLY A 223 12.15 20.06 -28.43
C GLY A 223 11.80 20.93 -29.61
N THR A 224 10.70 20.63 -30.30
CA THR A 224 10.24 21.45 -31.44
C THR A 224 9.17 22.40 -30.89
N ILE A 225 9.36 23.70 -31.11
CA ILE A 225 8.68 24.77 -30.32
C ILE A 225 7.16 24.61 -30.47
N GLU A 226 6.64 24.40 -31.68
CA GLU A 226 5.16 24.34 -31.90
C GLU A 226 4.55 23.15 -31.16
N PHE A 227 5.28 22.04 -30.97
CA PHE A 227 4.70 20.77 -30.45
C PHE A 227 5.17 20.50 -29.01
N THR A 228 6.26 21.11 -28.54
CA THR A 228 6.92 20.72 -27.28
C THR A 228 5.95 20.81 -26.10
N SER A 229 6.30 20.22 -24.96
CA SER A 229 5.43 20.16 -23.75
C SER A 229 5.58 21.43 -22.90
N ILE A 230 4.65 21.62 -21.97
CA ILE A 230 4.70 22.76 -21.00
C ILE A 230 5.91 22.53 -20.09
N ASP A 231 6.17 21.29 -19.69
CA ASP A 231 7.32 20.99 -18.83
C ASP A 231 8.60 21.43 -19.52
N ALA A 232 8.71 21.12 -20.80
CA ALA A 232 9.88 21.50 -21.63
C ALA A 232 9.98 23.02 -21.65
N HIS A 233 8.85 23.71 -21.86
CA HIS A 233 8.78 25.19 -21.88
C HIS A 233 9.27 25.74 -20.56
N ASN A 234 8.96 25.09 -19.43
CA ASN A 234 9.32 25.56 -18.06
C ASN A 234 10.76 25.22 -17.70
N GLY A 235 11.52 24.66 -18.65
CA GLY A 235 12.92 24.24 -18.45
C GLY A 235 13.07 23.01 -17.56
N VAL A 236 11.99 22.24 -17.46
CA VAL A 236 11.93 21.05 -16.64
C VAL A 236 12.17 19.84 -17.54
N ALA A 237 12.84 18.81 -17.01
CA ALA A 237 13.12 17.62 -17.79
C ALA A 237 11.87 16.96 -18.42
N PRO A 238 12.03 16.38 -19.64
CA PRO A 238 10.85 15.77 -20.22
C PRO A 238 10.38 14.56 -19.42
N SER A 239 9.07 14.32 -19.41
CA SER A 239 8.50 13.25 -18.65
C SER A 239 7.45 12.56 -19.53
N ARG A 240 6.81 11.54 -19.01
CA ARG A 240 5.83 10.80 -19.78
C ARG A 240 4.61 11.63 -20.19
N ARG A 241 4.11 12.46 -19.29
CA ARG A 241 2.96 13.29 -19.63
C ARG A 241 3.33 14.17 -20.81
N GLY A 242 4.59 14.69 -20.84
CA GLY A 242 5.12 15.52 -21.94
C GLY A 242 4.92 14.87 -23.30
N ASP A 243 5.29 13.61 -23.42
CA ASP A 243 5.12 12.90 -24.67
C ASP A 243 3.66 12.82 -25.09
N LEU A 244 2.77 12.52 -24.15
CA LEU A 244 1.33 12.39 -24.51
C LEU A 244 0.78 13.77 -24.88
N GLU A 245 1.26 14.81 -24.19
CA GLU A 245 0.93 16.22 -24.48
C GLU A 245 1.36 16.50 -25.92
N ILE A 246 2.62 16.19 -26.27
CA ILE A 246 3.10 16.44 -27.62
C ILE A 246 2.25 15.75 -28.66
N LEU A 247 1.88 14.49 -28.41
CA LEU A 247 1.06 13.75 -29.35
C LEU A 247 -0.24 14.50 -29.59
N GLY A 248 -0.90 14.95 -28.52
CA GLY A 248 -2.13 15.78 -28.56
C GLY A 248 -2.04 16.97 -29.54
N TYR A 249 -0.93 17.73 -29.52
CA TYR A 249 -0.72 18.89 -30.42
C TYR A 249 -0.54 18.40 -31.86
N CYS A 250 0.06 17.25 -32.03
CA CYS A 250 0.24 16.70 -33.34
C CYS A 250 -1.13 16.37 -33.92
N MET A 251 -1.97 15.68 -33.15
CA MET A 251 -3.33 15.23 -33.58
C MET A 251 -4.10 16.43 -34.15
N ILE A 252 -4.08 17.56 -33.44
CA ILE A 252 -4.83 18.79 -33.81
C ILE A 252 -4.24 19.39 -35.08
N GLN A 253 -2.93 19.54 -35.12
CA GLN A 253 -2.16 19.99 -36.31
C GLN A 253 -2.55 19.14 -37.54
N TRP A 254 -2.57 17.81 -37.38
CA TRP A 254 -2.88 16.84 -38.46
C TRP A 254 -4.35 16.95 -38.89
N LEU A 255 -5.28 17.10 -37.95
CA LEU A 255 -6.73 17.22 -38.26
C LEU A 255 -7.05 18.57 -38.92
N THR A 256 -6.48 19.69 -38.44
CA THR A 256 -6.96 21.08 -38.73
C THR A 256 -6.05 21.80 -39.73
N GLY A 257 -4.76 21.41 -39.78
CA GLY A 257 -3.74 22.09 -40.59
C GLY A 257 -3.06 23.24 -39.85
N HIS A 258 -3.52 23.55 -38.63
CA HIS A 258 -3.01 24.70 -37.87
C HIS A 258 -2.90 24.41 -36.37
N LEU A 259 -2.23 25.32 -35.67
CA LEU A 259 -2.10 25.31 -34.23
C LEU A 259 -2.25 26.80 -33.85
N PRO A 260 -2.96 27.12 -32.75
CA PRO A 260 -3.15 28.54 -32.42
C PRO A 260 -1.91 29.45 -32.34
N TRP A 261 -0.77 28.91 -31.94
CA TRP A 261 0.46 29.68 -31.76
C TRP A 261 1.45 29.60 -32.92
N GLU A 262 1.02 29.06 -34.05
CA GLU A 262 1.89 28.91 -35.21
C GLU A 262 2.40 30.22 -35.79
N ASP A 263 1.57 31.26 -35.76
CA ASP A 263 1.91 32.55 -36.31
C ASP A 263 3.13 33.19 -35.66
N ASN A 264 3.29 33.00 -34.36
CA ASN A 264 4.45 33.57 -33.70
C ASN A 264 5.23 32.50 -32.93
N LEU A 265 5.89 31.65 -33.70
CA LEU A 265 6.76 30.58 -33.21
C LEU A 265 8.05 31.11 -32.60
N LYS A 266 8.46 32.31 -33.06
CA LYS A 266 9.65 33.00 -32.61
C LYS A 266 9.62 33.41 -31.13
N ASP A 267 8.43 33.58 -30.55
CA ASP A 267 8.26 33.95 -29.15
C ASP A 267 7.94 32.73 -28.23
N PRO A 268 9.01 32.11 -27.64
CA PRO A 268 8.68 30.96 -26.81
C PRO A 268 7.72 31.25 -25.65
N LYS A 269 7.83 32.40 -24.99
CA LYS A 269 7.01 32.72 -23.79
C LYS A 269 5.55 32.86 -24.20
N TYR A 270 5.27 33.29 -25.43
CA TYR A 270 3.91 33.41 -25.92
C TYR A 270 3.35 32.01 -26.13
N VAL A 271 4.14 31.19 -26.81
CA VAL A 271 3.77 29.81 -27.09
C VAL A 271 3.46 29.08 -25.80
N ARG A 272 4.39 29.18 -24.85
CA ARG A 272 4.20 28.53 -23.52
C ARG A 272 2.87 29.02 -22.90
N ASP A 273 2.68 30.33 -22.85
CA ASP A 273 1.48 31.00 -22.27
C ASP A 273 0.20 30.49 -22.93
N SER A 274 0.18 30.37 -24.25
CA SER A 274 -0.99 29.89 -24.96
C SER A 274 -1.33 28.46 -24.57
N LYS A 275 -0.31 27.63 -24.43
CA LYS A 275 -0.46 26.20 -24.05
C LYS A 275 -0.96 26.09 -22.62
N ILE A 276 -0.46 26.93 -21.71
CA ILE A 276 -0.90 26.90 -20.28
C ILE A 276 -2.38 27.28 -20.24
N ARG A 277 -2.79 28.30 -20.99
CA ARG A 277 -4.19 28.80 -20.96
C ARG A 277 -5.10 27.75 -21.60
N TYR A 278 -4.68 27.13 -22.69
CA TYR A 278 -5.49 26.12 -23.41
C TYR A 278 -5.52 24.79 -22.65
N ARG A 279 -4.53 24.51 -21.80
CA ARG A 279 -4.54 23.33 -20.89
C ARG A 279 -5.53 23.60 -19.76
N GLU A 280 -5.58 24.82 -19.26
CA GLU A 280 -6.53 25.18 -18.21
C GLU A 280 -7.97 25.06 -18.70
N ASN A 281 -8.20 25.49 -19.95
CA ASN A 281 -9.54 25.43 -20.55
C ASN A 281 -9.53 24.73 -21.91
N ILE A 282 -9.72 23.41 -21.92
CA ILE A 282 -9.71 22.65 -23.18
C ILE A 282 -10.83 23.03 -24.15
N ALA A 283 -12.03 23.24 -23.62
CA ALA A 283 -13.19 23.70 -24.40
C ALA A 283 -12.81 24.92 -25.24
N SER A 284 -12.03 25.87 -24.70
CA SER A 284 -11.46 27.04 -25.44
C SER A 284 -10.64 26.56 -26.65
N LEU A 285 -9.75 25.59 -26.44
CA LEU A 285 -8.84 25.02 -27.48
C LEU A 285 -9.68 24.40 -28.61
N MET A 286 -10.69 23.61 -28.24
CA MET A 286 -11.60 22.95 -29.22
C MET A 286 -12.32 24.02 -30.05
N ASP A 287 -12.83 25.07 -29.39
CA ASP A 287 -13.47 26.23 -30.07
C ASP A 287 -12.47 26.96 -30.99
N LYS A 288 -11.23 27.19 -30.54
CA LYS A 288 -10.21 27.88 -31.38
C LYS A 288 -9.85 27.03 -32.62
N CYS A 289 -9.57 25.74 -32.45
CA CYS A 289 -8.93 24.86 -33.49
C CYS A 289 -9.96 24.25 -34.45
N PHE A 290 -11.22 24.06 -34.00
CA PHE A 290 -12.27 23.37 -34.78
C PHE A 290 -13.40 24.33 -35.11
N PRO A 291 -13.92 24.23 -36.33
CA PRO A 291 -14.99 25.12 -36.79
C PRO A 291 -16.24 24.96 -35.93
N ALA A 292 -16.85 26.10 -35.64
CA ALA A 292 -18.18 26.19 -35.06
C ALA A 292 -18.49 25.37 -33.83
N ALA A 293 -17.52 25.21 -32.95
CA ALA A 293 -17.76 24.48 -31.71
C ALA A 293 -18.11 23.02 -31.98
N ASN A 294 -17.75 22.52 -33.16
CA ASN A 294 -18.00 21.11 -33.46
C ASN A 294 -16.63 20.50 -33.54
N ALA A 295 -16.30 19.63 -32.59
CA ALA A 295 -14.98 19.02 -32.58
C ALA A 295 -15.03 17.57 -32.18
N PRO A 296 -14.05 16.80 -32.66
CA PRO A 296 -14.00 15.38 -32.30
C PRO A 296 -13.92 15.19 -30.77
N GLY A 297 -14.93 14.54 -30.19
CA GLY A 297 -15.04 14.29 -28.74
C GLY A 297 -13.82 13.58 -28.18
N GLU A 298 -13.23 12.66 -28.95
CA GLU A 298 -12.09 11.82 -28.50
C GLU A 298 -10.87 12.70 -28.24
N ILE A 299 -10.65 13.74 -29.07
CA ILE A 299 -9.48 14.65 -28.91
C ILE A 299 -9.63 15.42 -27.59
N ALA A 300 -10.84 15.90 -27.28
CA ALA A 300 -11.09 16.61 -26.01
C ALA A 300 -10.84 15.67 -24.83
N LYS A 301 -11.40 14.45 -24.89
CA LYS A 301 -11.30 13.44 -23.79
C LYS A 301 -9.81 13.06 -23.60
N TYR A 302 -9.08 12.91 -24.71
CA TYR A 302 -7.62 12.65 -24.69
C TYR A 302 -6.93 13.73 -23.84
N MET A 303 -7.16 15.01 -24.19
CA MET A 303 -6.38 16.13 -23.61
C MET A 303 -6.78 16.30 -22.15
N GLU A 304 -8.05 16.03 -21.82
CA GLU A 304 -8.56 16.04 -20.41
C GLU A 304 -7.78 15.01 -19.60
N THR A 305 -7.62 13.81 -20.16
CA THR A 305 -6.96 12.68 -19.46
C THR A 305 -5.48 13.02 -19.26
N VAL A 306 -4.81 13.52 -20.29
CA VAL A 306 -3.35 13.86 -20.18
C VAL A 306 -3.19 14.97 -19.13
N LYS A 307 -4.14 15.88 -19.05
CA LYS A 307 -4.08 16.99 -18.12
C LYS A 307 -4.05 16.50 -16.68
N LEU A 308 -4.79 15.44 -16.39
CA LEU A 308 -4.89 14.91 -15.00
C LEU A 308 -3.56 14.27 -14.54
N LEU A 309 -2.59 14.04 -15.44
CA LEU A 309 -1.31 13.36 -15.09
C LEU A 309 -0.37 14.30 -14.33
N ASP A 310 0.20 13.85 -13.20
CA ASP A 310 1.21 14.59 -12.47
C ASP A 310 2.56 14.34 -13.15
N TYR A 311 3.59 15.06 -12.74
CA TYR A 311 4.89 14.91 -13.39
C TYR A 311 5.47 13.51 -13.30
N THR A 312 5.34 12.87 -12.15
CA THR A 312 5.90 11.54 -11.98
C THR A 312 4.93 10.39 -12.17
N GLU A 313 3.72 10.70 -12.60
CA GLU A 313 2.70 9.66 -12.74
C GLU A 313 2.77 8.78 -14.01
N LYS A 314 2.58 7.46 -13.86
CA LYS A 314 2.51 6.51 -14.99
C LYS A 314 1.15 6.65 -15.68
N PRO A 315 1.11 7.00 -16.98
CA PRO A 315 -0.14 7.09 -17.70
C PRO A 315 -0.88 5.75 -17.74
N LEU A 316 -2.21 5.78 -17.72
CA LEU A 316 -3.06 4.64 -18.11
C LEU A 316 -3.21 4.64 -19.63
N TYR A 317 -2.28 3.98 -20.32
CA TYR A 317 -2.19 3.93 -21.80
C TYR A 317 -3.43 3.27 -22.39
N GLU A 318 -3.98 2.25 -21.71
CA GLU A 318 -5.14 1.45 -22.21
C GLU A 318 -6.38 2.37 -22.22
N ASN A 319 -6.59 3.14 -21.15
CA ASN A 319 -7.69 4.15 -21.05
C ASN A 319 -7.61 5.13 -22.23
N LEU A 320 -6.39 5.53 -22.63
CA LEU A 320 -6.17 6.51 -23.73
C LEU A 320 -6.50 5.86 -25.07
N ARG A 321 -6.06 4.62 -25.28
CA ARG A 321 -6.36 3.84 -26.51
C ARG A 321 -7.89 3.63 -26.60
N ASP A 322 -8.58 3.34 -25.48
CA ASP A 322 -10.05 3.15 -25.44
C ASP A 322 -10.75 4.42 -25.93
N ILE A 323 -10.28 5.58 -25.47
CA ILE A 323 -10.78 6.92 -25.89
C ILE A 323 -10.66 7.05 -27.42
N LEU A 324 -9.49 6.79 -27.99
CA LEU A 324 -9.31 6.87 -29.47
C LEU A 324 -10.20 5.83 -30.17
N LEU A 325 -10.41 4.67 -29.55
CA LEU A 325 -11.29 3.58 -30.10
C LEU A 325 -12.76 4.02 -30.10
N GLN A 326 -13.23 4.77 -29.08
CA GLN A 326 -14.61 5.31 -29.05
C GLN A 326 -14.81 6.21 -30.28
N GLY A 327 -13.74 6.83 -30.76
CA GLY A 327 -13.72 7.76 -31.91
C GLY A 327 -13.88 7.03 -33.23
N LEU A 328 -13.16 5.91 -33.41
CA LEU A 328 -13.32 5.00 -34.58
C LEU A 328 -14.75 4.43 -34.61
N LYS A 329 -15.33 4.02 -33.48
CA LYS A 329 -16.72 3.53 -33.39
C LYS A 329 -17.68 4.63 -33.85
N ALA A 330 -17.39 5.89 -33.52
CA ALA A 330 -18.25 7.07 -33.81
C ALA A 330 -18.26 7.37 -35.32
N ILE A 331 -17.17 7.09 -36.05
CA ILE A 331 -17.07 7.33 -37.52
C ILE A 331 -17.44 6.04 -38.27
N GLY A 332 -17.95 5.04 -37.56
CA GLY A 332 -18.28 3.76 -38.16
C GLY A 332 -17.11 2.87 -38.56
N SER A 333 -15.99 3.00 -37.86
CA SER A 333 -14.79 2.20 -38.16
C SER A 333 -14.17 1.53 -36.93
N LYS A 334 -13.27 0.61 -37.17
CA LYS A 334 -12.61 -0.16 -36.13
C LYS A 334 -11.11 -0.11 -36.34
N ASP A 335 -10.34 -0.56 -35.36
CA ASP A 335 -8.90 -0.54 -35.49
C ASP A 335 -8.46 -1.74 -36.32
N ASP A 336 -8.52 -1.56 -37.63
CA ASP A 336 -8.15 -2.59 -38.58
C ASP A 336 -6.68 -2.46 -39.00
N GLY A 337 -6.01 -1.45 -38.48
CA GLY A 337 -4.59 -1.23 -38.81
C GLY A 337 -4.36 -0.37 -40.05
N LYS A 338 -5.42 0.00 -40.80
CA LYS A 338 -5.30 0.74 -42.08
C LYS A 338 -5.18 2.24 -41.76
N LEU A 339 -4.09 2.88 -42.21
CA LEU A 339 -3.83 4.34 -42.04
C LEU A 339 -4.54 5.12 -43.16
N ASP A 340 -5.01 4.46 -44.24
CA ASP A 340 -5.75 5.03 -45.39
C ASP A 340 -5.08 6.33 -45.85
N LEU A 341 -3.75 6.34 -45.99
CA LEU A 341 -2.95 7.43 -46.59
C LEU A 341 -3.15 7.42 -48.12
N PHE B 23 -45.70 14.14 5.83
CA PHE B 23 -45.84 12.66 5.78
C PHE B 23 -46.09 12.12 7.19
N ALA B 24 -46.76 10.97 7.26
CA ALA B 24 -47.10 10.24 8.50
C ALA B 24 -45.92 9.30 8.84
N VAL B 25 -45.57 9.14 10.11
CA VAL B 25 -44.62 8.09 10.60
C VAL B 25 -45.18 6.72 10.18
N GLY B 26 -44.44 5.96 9.36
CA GLY B 26 -44.83 4.64 8.84
C GLY B 26 -45.38 4.67 7.42
N GLU B 27 -45.73 5.85 6.89
CA GLU B 27 -46.31 6.05 5.54
C GLU B 27 -45.43 5.38 4.49
N ILE B 28 -46.03 4.75 3.47
CA ILE B 28 -45.31 4.20 2.29
C ILE B 28 -45.38 5.23 1.17
N ILE B 29 -44.23 5.63 0.62
CA ILE B 29 -44.12 6.51 -0.59
C ILE B 29 -43.46 5.70 -1.71
N THR B 30 -43.95 5.85 -2.94
CA THR B 30 -43.47 5.13 -4.15
C THR B 30 -42.73 6.12 -5.05
N ASP B 31 -41.50 5.81 -5.46
CA ASP B 31 -40.64 6.72 -6.26
C ASP B 31 -40.90 6.47 -7.76
N MET B 32 -40.20 7.23 -8.62
CA MET B 32 -40.33 7.22 -10.10
C MET B 32 -39.96 5.86 -10.69
N ALA B 33 -39.16 5.10 -9.95
CA ALA B 33 -38.68 3.78 -10.36
C ALA B 33 -39.49 2.68 -9.70
N ALA B 34 -40.64 3.07 -9.14
CA ALA B 34 -41.55 2.16 -8.45
C ALA B 34 -40.89 1.40 -7.31
N ALA B 35 -40.07 2.12 -6.55
CA ALA B 35 -39.37 1.56 -5.40
C ALA B 35 -40.08 2.10 -4.17
N ALA B 36 -40.43 1.21 -3.24
CA ALA B 36 -41.15 1.62 -2.02
C ALA B 36 -40.18 2.06 -0.92
N TRP B 37 -40.57 3.09 -0.16
CA TRP B 37 -39.84 3.62 1.03
C TRP B 37 -40.84 3.84 2.16
N LYS B 38 -40.43 3.56 3.41
CA LYS B 38 -41.24 3.85 4.62
C LYS B 38 -40.60 5.07 5.30
N VAL B 39 -41.44 5.93 5.87
CA VAL B 39 -41.03 7.22 6.49
C VAL B 39 -40.97 7.05 8.01
N GLY B 40 -39.89 7.52 8.63
CA GLY B 40 -39.69 7.56 10.09
C GLY B 40 -39.87 8.96 10.65
N LEU B 41 -39.32 9.23 11.84
CA LEU B 41 -39.47 10.52 12.57
C LEU B 41 -38.83 11.64 11.76
N PRO B 42 -39.30 12.89 12.00
CA PRO B 42 -38.74 14.06 11.33
C PRO B 42 -37.42 14.47 11.96
N ILE B 43 -36.60 15.22 11.23
CA ILE B 43 -35.32 15.67 11.75
C ILE B 43 -35.09 17.13 11.40
N CYS B 50 -38.88 20.24 5.88
CA CYS B 50 -39.58 18.97 6.05
C CYS B 50 -38.69 17.80 5.63
N ILE B 51 -37.86 17.34 6.55
CA ILE B 51 -36.96 16.22 6.28
C ILE B 51 -37.16 15.09 7.29
N TYR B 52 -37.27 13.85 6.84
CA TYR B 52 -37.44 12.75 7.77
C TYR B 52 -36.55 11.55 7.46
N LEU B 53 -36.34 10.69 8.47
CA LEU B 53 -35.62 9.41 8.28
C LEU B 53 -36.44 8.51 7.36
N ALA B 54 -35.79 7.75 6.49
CA ALA B 54 -36.44 6.91 5.48
C ALA B 54 -35.64 5.63 5.30
N ASP B 55 -36.31 4.55 4.88
CA ASP B 55 -35.64 3.25 4.57
C ASP B 55 -36.47 2.53 3.53
N MET B 56 -35.89 1.46 2.95
CA MET B 56 -36.58 0.49 2.07
C MET B 56 -37.73 -0.17 2.85
N ASN B 57 -38.90 -0.34 2.23
CA ASN B 57 -40.11 -0.91 2.90
C ASN B 57 -39.79 -2.28 3.52
N SER B 58 -40.24 -2.58 4.76
CA SER B 58 -39.72 -3.67 5.64
C SER B 58 -40.82 -4.33 6.47
N SER B 64 -33.86 4.62 14.18
CA SER B 64 -33.04 5.83 14.40
C SER B 64 -31.79 5.82 13.51
N ASP B 65 -31.28 4.62 13.16
CA ASP B 65 -30.03 4.41 12.37
C ASP B 65 -30.34 4.16 10.89
N ALA B 66 -31.54 4.56 10.44
CA ALA B 66 -31.98 4.58 9.03
C ALA B 66 -30.86 5.13 8.12
N PRO B 67 -30.59 4.48 6.97
CA PRO B 67 -29.49 4.88 6.10
C PRO B 67 -29.81 6.02 5.12
N CYS B 68 -31.08 6.41 5.05
CA CYS B 68 -31.51 7.46 4.15
C CYS B 68 -32.47 8.44 4.80
N VAL B 69 -32.65 9.58 4.14
CA VAL B 69 -33.57 10.61 4.61
C VAL B 69 -34.43 11.01 3.43
N VAL B 70 -35.55 11.67 3.72
CA VAL B 70 -36.45 12.10 2.65
C VAL B 70 -36.80 13.59 2.79
N LYS B 71 -36.71 14.36 1.69
CA LYS B 71 -37.03 15.77 1.73
C LYS B 71 -38.36 16.01 0.99
N VAL B 72 -39.36 16.54 1.69
CA VAL B 72 -40.68 16.74 1.08
C VAL B 72 -41.09 18.21 1.00
N GLU B 73 -41.73 18.61 -0.10
CA GLU B 73 -42.21 19.97 -0.29
C GLU B 73 -43.49 19.91 -1.13
N PRO B 74 -44.28 21.00 -1.16
CA PRO B 74 -45.48 20.93 -1.99
C PRO B 74 -45.15 20.67 -3.45
N GLY B 78 -40.34 25.46 -6.90
CA GLY B 78 -39.88 25.34 -5.53
C GLY B 78 -38.38 25.09 -5.45
N PRO B 79 -37.75 25.08 -4.24
CA PRO B 79 -36.31 24.85 -4.15
C PRO B 79 -35.96 23.38 -4.37
N LEU B 80 -36.88 22.50 -4.03
CA LEU B 80 -36.65 21.08 -4.22
C LEU B 80 -36.62 20.80 -5.71
N PHE B 81 -37.42 21.55 -6.46
CA PHE B 81 -37.45 21.38 -7.91
C PHE B 81 -36.10 21.76 -8.50
N THR B 82 -35.52 22.82 -7.98
CA THR B 82 -34.21 23.28 -8.43
C THR B 82 -33.17 22.25 -8.02
N GLU B 83 -33.30 21.75 -6.79
CA GLU B 83 -32.39 20.76 -6.25
C GLU B 83 -32.46 19.46 -7.03
N LEU B 84 -33.67 19.01 -7.35
CA LEU B 84 -33.85 17.78 -8.09
C LEU B 84 -33.13 17.83 -9.42
N LYS B 85 -33.26 18.96 -10.11
CA LYS B 85 -32.63 19.15 -11.40
C LYS B 85 -31.13 19.07 -11.30
N PHE B 86 -30.57 19.65 -10.25
CA PHE B 86 -29.12 19.65 -10.08
C PHE B 86 -28.59 18.24 -9.93
N TYR B 87 -29.25 17.44 -9.11
CA TYR B 87 -28.82 16.06 -8.90
C TYR B 87 -28.97 15.27 -10.18
N GLN B 88 -30.08 15.49 -10.88
CA GLN B 88 -30.36 14.80 -12.13
C GLN B 88 -29.37 15.16 -13.22
N ARG B 89 -28.96 16.42 -13.26
CA ARG B 89 -28.04 16.89 -14.29
C ARG B 89 -26.56 16.76 -13.95
N ALA B 90 -26.17 16.92 -12.68
CA ALA B 90 -24.74 16.87 -12.37
C ALA B 90 -24.30 16.06 -11.16
N ALA B 91 -25.22 15.48 -10.41
CA ALA B 91 -24.82 14.70 -9.25
C ALA B 91 -25.23 13.24 -9.33
N LYS B 92 -25.11 12.67 -10.51
CA LYS B 92 -25.46 11.27 -10.70
C LYS B 92 -24.37 10.41 -10.11
N PRO B 93 -24.72 9.26 -9.54
CA PRO B 93 -23.76 8.33 -8.93
C PRO B 93 -22.59 8.00 -9.85
N GLU B 94 -22.87 7.71 -11.11
CA GLU B 94 -21.83 7.40 -12.06
C GLU B 94 -20.89 8.58 -12.25
N GLN B 95 -21.46 9.78 -12.31
CA GLN B 95 -20.67 11.00 -12.49
C GLN B 95 -19.73 11.21 -11.31
N ILE B 96 -20.25 11.00 -10.11
CA ILE B 96 -19.45 11.15 -8.90
C ILE B 96 -18.32 10.13 -8.80
N GLN B 97 -18.63 8.89 -9.14
CA GLN B 97 -17.66 7.81 -9.10
C GLN B 97 -16.52 8.05 -10.09
N LYS B 98 -16.87 8.53 -11.27
CA LYS B 98 -15.87 8.81 -12.29
C LYS B 98 -14.93 9.91 -11.82
N TRP B 99 -15.49 10.93 -11.18
CA TRP B 99 -14.70 12.03 -10.66
C TRP B 99 -13.73 11.58 -9.59
N ILE B 100 -14.20 10.71 -8.70
CA ILE B 100 -13.36 10.20 -7.62
C ILE B 100 -12.23 9.37 -8.21
N ARG B 101 -12.55 8.58 -9.23
CA ARG B 101 -11.54 7.74 -9.93
C ARG B 101 -10.47 8.64 -10.57
N THR B 102 -10.87 9.60 -11.41
CA THR B 102 -9.95 10.37 -12.30
C THR B 102 -9.17 11.41 -11.49
N ARG B 103 -9.70 11.90 -10.38
CA ARG B 103 -8.97 12.87 -9.51
C ARG B 103 -8.26 12.13 -8.38
N LYS B 104 -8.44 10.81 -8.27
CA LYS B 104 -7.69 9.99 -7.28
C LYS B 104 -7.98 10.54 -5.88
N LEU B 105 -9.27 10.69 -5.53
CA LEU B 105 -9.76 11.16 -4.20
C LEU B 105 -10.13 9.95 -3.34
N LYS B 106 -9.98 10.08 -2.02
CA LYS B 106 -10.49 9.09 -1.02
C LYS B 106 -12.03 9.14 -1.04
N TYR B 107 -12.60 10.34 -1.15
CA TYR B 107 -14.05 10.51 -1.19
C TYR B 107 -14.43 11.88 -1.76
N LEU B 108 -15.69 12.02 -2.18
CA LEU B 108 -16.17 13.28 -2.69
C LEU B 108 -17.33 13.66 -1.80
N GLY B 109 -17.36 14.90 -1.33
CA GLY B 109 -18.42 15.35 -0.44
C GLY B 109 -19.73 15.79 -1.08
N VAL B 110 -20.29 14.93 -1.93
CA VAL B 110 -21.56 15.20 -2.58
C VAL B 110 -22.48 14.04 -2.27
N PRO B 111 -23.63 14.33 -1.67
CA PRO B 111 -24.58 13.28 -1.29
C PRO B 111 -25.16 12.52 -2.47
N LYS B 112 -25.37 11.23 -2.28
CA LYS B 112 -26.01 10.36 -3.31
C LYS B 112 -27.52 10.63 -3.30
N TYR B 113 -28.11 10.65 -4.51
CA TYR B 113 -29.52 10.82 -4.75
C TYR B 113 -29.99 9.36 -4.98
N TRP B 114 -30.99 8.94 -4.24
CA TRP B 114 -31.52 7.55 -4.26
C TRP B 114 -32.84 7.47 -5.02
N GLY B 115 -33.53 8.59 -5.25
CA GLY B 115 -34.82 8.60 -5.95
C GLY B 115 -35.68 9.80 -5.60
N SER B 116 -36.89 9.86 -6.16
CA SER B 116 -37.79 10.91 -6.00
C SER B 116 -39.15 10.46 -6.48
N GLY B 117 -40.18 11.33 -6.34
CA GLY B 117 -41.55 11.07 -6.83
C GLY B 117 -42.52 12.16 -6.44
N LEU B 118 -43.82 11.86 -6.59
CA LEU B 118 -44.96 12.67 -6.10
C LEU B 118 -45.75 11.80 -5.13
N HIS B 119 -46.35 12.40 -4.11
CA HIS B 119 -47.23 11.74 -3.11
C HIS B 119 -48.42 12.67 -2.79
N ASP B 120 -49.65 12.20 -2.96
CA ASP B 120 -50.87 13.04 -2.76
C ASP B 120 -51.41 12.87 -1.32
N LYS B 121 -51.87 13.98 -0.71
CA LYS B 121 -52.74 14.06 0.51
C LYS B 121 -53.79 15.17 0.31
N TYR B 126 -47.44 16.58 -3.28
CA TYR B 126 -46.14 16.83 -2.67
C TYR B 126 -45.01 16.20 -3.49
N ARG B 127 -43.83 16.81 -3.46
CA ARG B 127 -42.68 16.29 -4.18
C ARG B 127 -41.67 15.78 -3.17
N PHE B 128 -41.05 14.64 -3.41
CA PHE B 128 -40.06 14.11 -2.43
C PHE B 128 -38.79 13.69 -3.14
N MET B 129 -37.73 13.59 -2.34
CA MET B 129 -36.43 13.21 -2.79
C MET B 129 -35.76 12.37 -1.68
N ILE B 130 -35.25 11.19 -2.04
CA ILE B 130 -34.57 10.31 -1.11
C ILE B 130 -33.07 10.54 -1.18
N MET B 131 -32.46 10.90 -0.05
CA MET B 131 -31.04 11.22 0.01
C MET B 131 -30.31 10.51 1.15
N ASP B 132 -28.99 10.48 1.05
CA ASP B 132 -28.12 9.88 2.07
C ASP B 132 -28.34 10.44 3.48
N ARG B 133 -28.12 9.60 4.49
CA ARG B 133 -28.32 10.02 5.87
C ARG B 133 -26.97 10.32 6.49
N PHE B 134 -26.86 11.47 7.14
CA PHE B 134 -25.58 11.90 7.68
C PHE B 134 -25.56 12.09 9.19
N GLY B 135 -24.35 12.33 9.68
CA GLY B 135 -24.08 12.59 11.08
C GLY B 135 -24.32 14.06 11.43
N SER B 136 -24.02 14.43 12.65
CA SER B 136 -24.29 15.80 13.06
C SER B 136 -23.60 16.88 12.22
N ASP B 137 -24.37 17.92 11.90
CA ASP B 137 -23.91 19.11 11.15
C ASP B 137 -22.68 19.64 11.89
N LEU B 138 -21.84 20.42 11.22
CA LEU B 138 -20.64 20.99 11.83
C LEU B 138 -20.94 22.12 12.80
N GLN B 139 -22.07 22.79 12.58
CA GLN B 139 -22.50 23.93 13.44
C GLN B 139 -22.74 23.42 14.88
N LYS B 140 -23.40 22.27 15.08
CA LYS B 140 -23.65 21.71 16.44
C LYS B 140 -22.30 21.45 17.13
N ILE B 141 -21.31 20.98 16.36
CA ILE B 141 -19.94 20.60 16.85
C ILE B 141 -19.17 21.88 17.19
N TYR B 142 -19.19 22.86 16.26
CA TYR B 142 -18.62 24.23 16.41
C TYR B 142 -19.07 24.81 17.75
N GLU B 143 -20.37 24.80 18.01
CA GLU B 143 -20.98 25.42 19.22
C GLU B 143 -20.55 24.63 20.46
N ALA B 144 -20.47 23.31 20.36
CA ALA B 144 -20.04 22.40 21.45
C ALA B 144 -18.57 22.62 21.76
N ASN B 145 -17.78 23.12 20.79
CA ASN B 145 -16.32 23.37 20.95
C ASN B 145 -16.06 24.86 21.23
N ALA B 146 -17.07 25.60 21.73
CA ALA B 146 -16.99 27.02 22.16
C ALA B 146 -16.73 27.94 20.95
N LYS B 147 -17.46 27.72 19.86
CA LYS B 147 -17.37 28.48 18.58
C LYS B 147 -15.90 28.66 18.16
N ARG B 148 -15.07 27.60 18.25
CA ARG B 148 -13.74 27.51 17.58
C ARG B 148 -13.56 26.15 16.89
N PHE B 149 -12.81 26.13 15.80
CA PHE B 149 -12.17 24.93 15.19
C PHE B 149 -10.66 25.20 15.09
N SER B 150 -9.83 24.21 15.39
CA SER B 150 -8.35 24.32 15.26
C SER B 150 -8.00 24.70 13.82
N ARG B 151 -6.79 25.25 13.63
CA ARG B 151 -6.23 25.55 12.30
C ARG B 151 -6.18 24.27 11.45
N LYS B 152 -5.78 23.14 12.05
CA LYS B 152 -5.74 21.81 11.39
C LYS B 152 -7.13 21.53 10.82
N THR B 153 -8.13 21.46 11.67
CA THR B 153 -9.50 21.17 11.26
C THR B 153 -9.99 22.05 10.13
N VAL B 154 -9.81 23.36 10.26
CA VAL B 154 -10.27 24.29 9.25
C VAL B 154 -9.56 24.03 7.93
N LEU B 155 -8.26 23.79 7.99
CA LEU B 155 -7.50 23.51 6.79
C LEU B 155 -7.97 22.24 6.11
N GLN B 156 -8.18 21.20 6.90
CA GLN B 156 -8.63 19.93 6.37
C GLN B 156 -10.02 20.03 5.78
N LEU B 157 -10.90 20.75 6.47
CA LEU B 157 -12.26 20.93 6.00
C LEU B 157 -12.29 21.66 4.68
N SER B 158 -11.46 22.69 4.56
CA SER B 158 -11.41 23.51 3.36
C SER B 158 -10.97 22.74 2.13
N LEU B 159 -9.98 21.87 2.28
CA LEU B 159 -9.49 21.10 1.15
C LEU B 159 -10.60 20.20 0.61
N ARG B 160 -11.34 19.58 1.52
CA ARG B 160 -12.46 18.73 1.13
C ARG B 160 -13.55 19.56 0.46
N ILE B 161 -13.81 20.74 1.02
CA ILE B 161 -14.81 21.65 0.47
C ILE B 161 -14.41 22.11 -0.92
N LEU B 162 -13.11 22.36 -1.10
CA LEU B 162 -12.59 22.79 -2.38
C LEU B 162 -12.83 21.71 -3.44
N ASP B 163 -12.64 20.44 -3.07
CA ASP B 163 -12.86 19.35 -3.99
C ASP B 163 -14.32 19.33 -4.41
N ILE B 164 -15.21 19.51 -3.45
CA ILE B 164 -16.64 19.52 -3.73
C ILE B 164 -17.02 20.70 -4.62
N LEU B 165 -16.41 21.85 -4.34
CA LEU B 165 -16.69 23.05 -5.10
C LEU B 165 -16.19 22.91 -6.53
N GLU B 166 -15.00 22.35 -6.69
CA GLU B 166 -14.46 22.17 -8.03
C GLU B 166 -15.34 21.25 -8.87
N TYR B 167 -15.83 20.19 -8.24
CA TYR B 167 -16.67 19.23 -8.94
C TYR B 167 -17.91 19.90 -9.49
N ILE B 168 -18.65 20.58 -8.63
CA ILE B 168 -19.86 21.27 -9.05
C ILE B 168 -19.59 22.39 -10.06
N HIS B 169 -18.50 23.13 -9.88
CA HIS B 169 -18.16 24.24 -10.77
C HIS B 169 -17.93 23.73 -12.19
N GLU B 170 -17.26 22.59 -12.30
CA GLU B 170 -16.99 21.91 -13.57
C GLU B 170 -18.26 21.38 -14.26
N HIS B 171 -19.28 21.08 -13.45
CA HIS B 171 -20.57 20.58 -13.90
C HIS B 171 -21.60 21.71 -14.02
N GLU B 172 -21.10 22.94 -14.19
CA GLU B 172 -21.88 24.18 -14.38
C GLU B 172 -22.82 24.59 -13.25
N TYR B 173 -22.39 24.40 -12.01
CA TYR B 173 -23.24 24.76 -10.89
C TYR B 173 -22.52 25.35 -9.70
N VAL B 174 -23.05 26.42 -9.13
CA VAL B 174 -22.48 26.95 -7.86
C VAL B 174 -23.51 26.72 -6.76
N HIS B 175 -23.06 26.68 -5.52
CA HIS B 175 -23.88 26.30 -4.35
C HIS B 175 -24.49 27.56 -3.72
N GLY B 176 -23.66 28.52 -3.36
CA GLY B 176 -24.07 29.80 -2.84
C GLY B 176 -24.46 29.90 -1.39
N ASP B 177 -24.45 28.77 -0.68
CA ASP B 177 -24.83 28.79 0.72
C ASP B 177 -23.93 27.97 1.62
N ILE B 178 -22.64 27.99 1.36
CA ILE B 178 -21.75 27.20 2.18
C ILE B 178 -21.69 27.75 3.60
N LYS B 179 -21.87 26.86 4.57
CA LYS B 179 -21.80 27.21 6.01
C LYS B 179 -21.86 25.94 6.86
N ALA B 180 -21.48 26.03 8.14
CA ALA B 180 -21.34 24.89 9.06
C ALA B 180 -22.64 24.05 9.07
N SER B 181 -23.82 24.69 9.08
CA SER B 181 -25.13 24.00 9.22
C SER B 181 -25.50 23.26 7.93
N ASN B 182 -24.80 23.53 6.81
CA ASN B 182 -24.98 22.80 5.53
C ASN B 182 -23.82 21.80 5.29
N LEU B 183 -23.01 21.55 6.31
CA LEU B 183 -21.91 20.60 6.23
C LEU B 183 -22.21 19.48 7.21
N LEU B 184 -22.36 18.26 6.70
CA LEU B 184 -22.73 17.08 7.52
C LEU B 184 -21.62 16.04 7.43
N LEU B 185 -21.35 15.34 8.54
CA LEU B 185 -20.36 14.23 8.60
C LEU B 185 -21.01 12.93 8.11
N ASN B 186 -20.26 12.13 7.35
CA ASN B 186 -20.60 10.72 7.02
C ASN B 186 -21.05 10.04 8.33
N TYR B 187 -22.24 9.43 8.34
CA TYR B 187 -22.82 8.74 9.52
C TYR B 187 -21.82 7.70 10.04
N LYS B 188 -21.06 7.05 9.14
CA LYS B 188 -20.15 5.90 9.42
C LYS B 188 -18.68 6.35 9.50
N ASN B 189 -18.29 7.49 8.89
CA ASN B 189 -16.88 7.99 8.92
C ASN B 189 -16.85 9.46 9.30
N PRO B 190 -16.50 9.82 10.57
CA PRO B 190 -16.43 11.21 10.99
C PRO B 190 -15.26 12.06 10.44
N ASP B 191 -14.43 11.53 9.54
CA ASP B 191 -13.33 12.30 8.88
C ASP B 191 -13.75 12.74 7.48
N GLN B 192 -15.00 12.52 7.08
CA GLN B 192 -15.53 12.86 5.74
C GLN B 192 -16.74 13.80 5.87
N VAL B 193 -16.60 15.04 5.42
CA VAL B 193 -17.69 16.00 5.43
C VAL B 193 -18.32 16.17 4.01
N TYR B 194 -19.66 16.29 3.97
CA TYR B 194 -20.41 16.51 2.75
C TYR B 194 -21.10 17.88 2.78
N LEU B 195 -21.42 18.40 1.60
CA LEU B 195 -22.11 19.68 1.45
C LEU B 195 -23.52 19.41 0.90
N VAL B 196 -24.53 19.96 1.55
CA VAL B 196 -25.93 19.76 1.19
C VAL B 196 -26.69 21.04 0.84
N ASP B 197 -28.01 20.93 0.77
CA ASP B 197 -28.92 22.04 0.47
C ASP B 197 -28.71 22.84 -0.82
N TYR B 198 -28.78 22.17 -1.96
CA TYR B 198 -28.59 22.82 -3.26
C TYR B 198 -29.84 23.54 -3.79
N GLY B 199 -30.86 23.65 -2.94
CA GLY B 199 -32.14 24.27 -3.23
C GLY B 199 -31.97 25.63 -3.89
N LEU B 200 -30.95 26.36 -3.46
CA LEU B 200 -30.64 27.69 -4.08
C LEU B 200 -29.34 27.61 -4.90
N ALA B 201 -28.93 26.43 -5.35
CA ALA B 201 -27.82 26.28 -6.32
C ALA B 201 -28.22 27.02 -7.60
N TYR B 202 -27.26 27.38 -8.44
CA TYR B 202 -27.49 28.16 -9.67
C TYR B 202 -26.62 27.57 -10.79
N ARG B 203 -27.22 27.41 -11.97
CA ARG B 203 -26.55 26.94 -13.19
C ARG B 203 -25.96 28.15 -13.90
N TYR B 204 -24.77 28.54 -13.45
CA TYR B 204 -24.01 29.68 -13.94
C TYR B 204 -23.51 29.56 -15.39
N CYS B 205 -23.15 28.35 -15.81
CA CYS B 205 -22.58 28.17 -17.13
C CYS B 205 -23.28 27.09 -17.92
N PRO B 206 -24.54 27.33 -18.29
CA PRO B 206 -25.24 26.28 -19.02
C PRO B 206 -24.65 26.11 -20.40
N GLU B 207 -24.30 24.87 -20.73
CA GLU B 207 -23.70 24.50 -22.01
C GLU B 207 -22.42 25.27 -22.35
N GLY B 208 -21.60 25.53 -21.33
CA GLY B 208 -20.35 26.23 -21.52
C GLY B 208 -20.42 27.73 -21.71
N VAL B 209 -21.61 28.31 -21.52
CA VAL B 209 -21.74 29.78 -21.72
C VAL B 209 -22.04 30.46 -20.36
N HIS B 210 -21.06 31.23 -19.83
CA HIS B 210 -21.16 31.92 -18.51
C HIS B 210 -22.30 32.94 -18.54
N LYS B 211 -23.10 33.01 -17.48
CA LYS B 211 -24.12 34.06 -17.22
C LYS B 211 -23.40 35.41 -17.22
N ALA B 212 -23.89 36.39 -18.00
CA ALA B 212 -23.26 37.72 -18.11
C ALA B 212 -23.49 38.46 -16.79
N TYR B 213 -22.52 39.29 -16.38
CA TYR B 213 -22.66 40.15 -15.19
C TYR B 213 -23.85 41.09 -15.38
N ALA B 214 -24.76 41.14 -14.41
CA ALA B 214 -25.91 42.07 -14.38
C ALA B 214 -26.45 42.12 -12.95
N ALA B 215 -26.83 43.30 -12.44
CA ALA B 215 -27.49 43.42 -11.11
C ALA B 215 -29.01 43.38 -11.31
N ASP B 216 -29.68 42.39 -10.70
CA ASP B 216 -31.17 42.28 -10.62
C ASP B 216 -31.53 42.70 -9.20
N PRO B 217 -32.44 43.70 -9.01
CA PRO B 217 -32.90 44.06 -7.67
C PRO B 217 -33.62 42.90 -6.94
N LYS B 218 -34.26 42.00 -7.71
CA LYS B 218 -34.97 40.79 -7.22
C LYS B 218 -33.97 39.80 -6.57
N ARG B 219 -32.68 39.88 -6.91
CA ARG B 219 -31.63 38.97 -6.38
C ARG B 219 -30.87 39.53 -5.17
N CYS B 220 -31.01 40.81 -4.85
CA CYS B 220 -30.20 41.49 -3.81
C CYS B 220 -30.21 40.73 -2.48
N HIS B 221 -29.02 40.49 -1.94
CA HIS B 221 -28.76 39.87 -0.61
C HIS B 221 -29.23 38.40 -0.56
N ASP B 222 -29.06 37.64 -1.65
CA ASP B 222 -29.29 36.17 -1.68
C ASP B 222 -28.24 35.50 -0.82
N GLY B 223 -28.58 34.34 -0.28
CA GLY B 223 -27.68 33.51 0.53
C GLY B 223 -27.94 33.75 2.00
N THR B 224 -26.97 33.39 2.86
CA THR B 224 -26.98 33.64 4.32
C THR B 224 -26.19 34.92 4.54
N ILE B 225 -26.80 35.92 5.19
CA ILE B 225 -26.34 37.35 5.17
C ILE B 225 -24.89 37.41 5.64
N GLU B 226 -24.53 36.73 6.76
CA GLU B 226 -23.17 36.88 7.35
C GLU B 226 -22.11 36.31 6.41
N PHE B 227 -22.43 35.32 5.58
CA PHE B 227 -21.43 34.56 4.79
C PHE B 227 -21.55 34.87 3.30
N THR B 228 -22.67 35.40 2.82
CA THR B 228 -22.94 35.50 1.35
C THR B 228 -21.87 36.35 0.67
N SER B 229 -21.81 36.32 -0.66
CA SER B 229 -20.77 37.04 -1.46
C SER B 229 -21.17 38.49 -1.72
N ILE B 230 -20.21 39.32 -2.10
CA ILE B 230 -20.45 40.73 -2.54
C ILE B 230 -21.36 40.72 -3.78
N ASP B 231 -21.08 39.82 -4.72
CA ASP B 231 -21.91 39.66 -5.95
C ASP B 231 -23.36 39.46 -5.53
N ALA B 232 -23.62 38.55 -4.58
CA ALA B 232 -24.98 38.21 -4.10
C ALA B 232 -25.59 39.48 -3.46
N HIS B 233 -24.81 40.21 -2.66
CA HIS B 233 -25.23 41.47 -2.02
C HIS B 233 -25.67 42.45 -3.12
N ASN B 234 -24.96 42.52 -4.25
CA ASN B 234 -25.19 43.51 -5.34
C ASN B 234 -26.34 43.04 -6.26
N GLY B 235 -26.99 41.92 -5.94
CA GLY B 235 -28.06 41.31 -6.76
C GLY B 235 -27.55 40.71 -8.07
N VAL B 236 -26.28 40.33 -8.12
CA VAL B 236 -25.65 39.64 -9.29
C VAL B 236 -25.82 38.13 -9.08
N ALA B 237 -26.15 37.38 -10.13
CA ALA B 237 -26.26 35.90 -10.09
C ALA B 237 -24.95 35.33 -9.55
N PRO B 238 -25.02 34.29 -8.71
CA PRO B 238 -23.82 33.71 -8.12
C PRO B 238 -22.87 33.11 -9.15
N SER B 239 -21.58 33.26 -8.89
CA SER B 239 -20.51 32.78 -9.75
C SER B 239 -19.49 32.04 -8.89
N ARG B 240 -18.48 31.47 -9.53
CA ARG B 240 -17.48 30.70 -8.82
C ARG B 240 -16.70 31.48 -7.76
N ARG B 241 -16.32 32.72 -8.05
CA ARG B 241 -15.60 33.53 -7.03
C ARG B 241 -16.49 33.66 -5.80
N GLY B 242 -17.80 33.81 -5.98
CA GLY B 242 -18.75 33.90 -4.87
C GLY B 242 -18.58 32.75 -3.89
N ASP B 243 -18.55 31.52 -4.41
CA ASP B 243 -18.42 30.29 -3.58
C ASP B 243 -17.09 30.36 -2.81
N LEU B 244 -15.99 30.73 -3.47
CA LEU B 244 -14.68 30.76 -2.77
C LEU B 244 -14.66 31.89 -1.74
N GLU B 245 -15.31 33.02 -2.05
CA GLU B 245 -15.52 34.16 -1.13
C GLU B 245 -16.24 33.62 0.11
N ILE B 246 -17.35 32.90 -0.10
CA ILE B 246 -18.18 32.41 1.03
C ILE B 246 -17.32 31.50 1.91
N LEU B 247 -16.58 30.58 1.30
CA LEU B 247 -15.72 29.67 2.04
C LEU B 247 -14.79 30.48 2.94
N GLY B 248 -14.09 31.46 2.36
CA GLY B 248 -13.20 32.40 3.06
C GLY B 248 -13.78 32.96 4.34
N TYR B 249 -15.05 33.41 4.33
CA TYR B 249 -15.74 33.95 5.52
C TYR B 249 -15.97 32.83 6.52
N CYS B 250 -16.30 31.63 6.06
CA CYS B 250 -16.48 30.44 6.93
C CYS B 250 -15.16 30.13 7.66
N MET B 251 -14.03 30.17 6.95
CA MET B 251 -12.70 29.84 7.53
C MET B 251 -12.40 30.75 8.71
N ILE B 252 -12.62 32.05 8.52
CA ILE B 252 -12.32 33.12 9.52
C ILE B 252 -13.27 32.96 10.72
N GLN B 253 -14.56 32.83 10.46
CA GLN B 253 -15.62 32.54 11.48
C GLN B 253 -15.17 31.35 12.33
N TRP B 254 -14.73 30.28 11.66
CA TRP B 254 -14.32 29.05 12.34
C TRP B 254 -13.08 29.21 13.19
N LEU B 255 -12.09 29.90 12.65
CA LEU B 255 -10.81 30.14 13.36
C LEU B 255 -11.01 31.10 14.55
N THR B 256 -11.78 32.18 14.38
CA THR B 256 -11.79 33.38 15.28
C THR B 256 -13.02 33.40 16.20
N GLY B 257 -14.12 32.77 15.77
CA GLY B 257 -15.42 32.75 16.50
C GLY B 257 -16.30 33.93 16.12
N HIS B 258 -15.88 34.73 15.14
CA HIS B 258 -16.44 36.07 14.85
C HIS B 258 -16.25 36.41 13.37
N LEU B 259 -17.09 37.33 12.90
CA LEU B 259 -16.87 38.14 11.70
C LEU B 259 -17.13 39.60 12.08
N PRO B 260 -16.41 40.57 11.48
CA PRO B 260 -16.52 41.98 11.87
C PRO B 260 -17.94 42.56 11.83
N TRP B 261 -18.81 42.06 10.94
CA TRP B 261 -20.15 42.65 10.62
C TRP B 261 -21.28 41.88 11.32
N GLU B 262 -20.94 40.97 12.24
CA GLU B 262 -21.93 40.06 12.87
C GLU B 262 -22.85 40.89 13.78
N ASP B 263 -22.36 42.02 14.25
CA ASP B 263 -23.09 42.92 15.15
C ASP B 263 -24.34 43.53 14.56
N ASN B 264 -24.26 43.93 13.30
CA ASN B 264 -25.40 44.53 12.62
C ASN B 264 -25.84 43.73 11.41
N LEU B 265 -26.22 42.48 11.66
CA LEU B 265 -26.70 41.56 10.64
C LEU B 265 -28.01 42.03 10.00
N LYS B 266 -28.85 42.68 10.80
CA LYS B 266 -30.15 43.17 10.34
C LYS B 266 -30.02 44.18 9.20
N ASP B 267 -29.00 45.02 9.23
CA ASP B 267 -28.76 45.99 8.17
C ASP B 267 -27.85 45.36 7.12
N PRO B 268 -28.40 45.04 5.94
CA PRO B 268 -27.65 44.39 4.87
C PRO B 268 -26.70 45.29 4.11
N LYS B 269 -27.08 46.53 3.88
CA LYS B 269 -26.23 47.50 3.15
C LYS B 269 -24.93 47.68 3.94
N TYR B 270 -24.98 47.55 5.27
CA TYR B 270 -23.79 47.67 6.16
C TYR B 270 -22.91 46.45 6.01
N VAL B 271 -23.53 45.27 6.00
CA VAL B 271 -22.82 43.98 5.79
C VAL B 271 -22.14 44.02 4.41
N ARG B 272 -22.85 44.43 3.37
CA ARG B 272 -22.27 44.56 2.00
C ARG B 272 -21.06 45.50 2.05
N ASP B 273 -21.26 46.70 2.60
CA ASP B 273 -20.23 47.77 2.61
C ASP B 273 -19.03 47.33 3.46
N SER B 274 -19.24 46.57 4.53
CA SER B 274 -18.14 46.08 5.35
C SER B 274 -17.25 45.12 4.54
N LYS B 275 -17.88 44.27 3.75
CA LYS B 275 -17.21 43.25 2.90
C LYS B 275 -16.48 43.97 1.77
N ILE B 276 -17.08 45.02 1.19
CA ILE B 276 -16.42 45.80 0.10
C ILE B 276 -15.16 46.47 0.66
N ARG B 277 -15.26 47.07 1.85
CA ARG B 277 -14.13 47.71 2.51
C ARG B 277 -13.01 46.74 2.89
N TYR B 278 -13.39 45.57 3.38
CA TYR B 278 -12.41 44.52 3.80
C TYR B 278 -11.83 43.80 2.59
N ARG B 279 -12.49 43.87 1.43
CA ARG B 279 -11.94 43.26 0.23
C ARG B 279 -10.94 44.24 -0.36
N GLU B 280 -11.23 45.53 -0.23
CA GLU B 280 -10.34 46.58 -0.75
C GLU B 280 -9.07 46.66 0.10
N ASN B 281 -9.21 46.36 1.38
CA ASN B 281 -8.09 46.34 2.31
C ASN B 281 -8.03 45.05 3.15
N ILE B 282 -7.44 44.00 2.58
CA ILE B 282 -7.32 42.70 3.27
C ILE B 282 -6.54 42.78 4.58
N ALA B 283 -5.40 43.47 4.54
CA ALA B 283 -4.55 43.71 5.74
C ALA B 283 -5.42 44.16 6.91
N SER B 284 -6.39 45.06 6.66
CA SER B 284 -7.40 45.55 7.63
C SER B 284 -8.20 44.37 8.21
N LEU B 285 -8.70 43.47 7.35
CA LEU B 285 -9.51 42.28 7.74
C LEU B 285 -8.70 41.35 8.64
N MET B 286 -7.45 41.07 8.27
CA MET B 286 -6.54 40.20 9.06
C MET B 286 -6.30 40.83 10.44
N ASP B 287 -6.05 42.14 10.48
CA ASP B 287 -5.89 42.90 11.75
C ASP B 287 -7.19 42.88 12.56
N LYS B 288 -8.36 43.06 11.95
CA LYS B 288 -9.67 43.08 12.67
C LYS B 288 -9.95 41.71 13.30
N CYS B 289 -9.88 40.68 12.47
CA CYS B 289 -10.09 39.27 12.80
C CYS B 289 -9.08 38.52 13.69
N PHE B 290 -7.79 38.79 13.52
CA PHE B 290 -6.78 38.07 14.30
C PHE B 290 -5.81 38.96 15.06
N PRO B 291 -6.29 39.56 16.15
CA PRO B 291 -5.56 40.45 17.05
C PRO B 291 -4.44 39.81 17.89
N ALA B 292 -4.63 38.59 18.35
CA ALA B 292 -3.67 37.98 19.30
C ALA B 292 -2.26 37.95 18.70
N ALA B 293 -2.15 37.81 17.36
CA ALA B 293 -0.87 37.66 16.63
C ALA B 293 -1.06 37.73 15.10
N ASN B 294 0.03 37.79 14.36
CA ASN B 294 -0.12 37.91 12.94
C ASN B 294 -1.01 36.75 12.56
N ALA B 295 -1.96 37.03 11.68
CA ALA B 295 -2.93 36.05 11.21
C ALA B 295 -2.26 34.98 10.36
N PRO B 296 -2.87 33.78 10.31
CA PRO B 296 -2.28 32.68 9.53
C PRO B 296 -2.12 33.14 8.11
N GLY B 297 -0.89 33.01 7.65
CA GLY B 297 -0.47 33.47 6.32
C GLY B 297 -1.35 32.90 5.20
N GLU B 298 -1.79 31.66 5.34
CA GLU B 298 -2.58 30.95 4.30
C GLU B 298 -3.93 31.63 4.13
N ILE B 299 -4.54 32.11 5.20
CA ILE B 299 -5.88 32.78 5.14
C ILE B 299 -5.72 34.10 4.40
N ALA B 300 -4.65 34.84 4.64
CA ALA B 300 -4.36 36.10 3.91
C ALA B 300 -4.19 35.79 2.41
N LYS B 301 -3.36 34.79 2.07
CA LYS B 301 -3.03 34.39 0.67
C LYS B 301 -4.32 33.94 -0.02
N TYR B 302 -5.15 33.16 0.68
CA TYR B 302 -6.49 32.74 0.19
C TYR B 302 -7.30 33.98 -0.23
N MET B 303 -7.53 34.89 0.71
CA MET B 303 -8.32 36.08 0.47
C MET B 303 -7.78 36.92 -0.68
N GLU B 304 -6.47 37.06 -0.75
CA GLU B 304 -5.86 37.83 -1.82
C GLU B 304 -6.14 37.18 -3.17
N THR B 305 -6.04 35.86 -3.21
CA THR B 305 -6.29 35.13 -4.45
C THR B 305 -7.72 35.29 -4.91
N VAL B 306 -8.66 35.23 -3.97
CA VAL B 306 -10.07 35.41 -4.29
C VAL B 306 -10.36 36.81 -4.82
N LYS B 307 -9.69 37.80 -4.23
CA LYS B 307 -9.86 39.19 -4.61
C LYS B 307 -9.46 39.44 -6.07
N LEU B 308 -8.39 38.78 -6.49
CA LEU B 308 -7.88 38.92 -7.85
C LEU B 308 -8.87 38.49 -8.91
N LEU B 309 -9.63 37.45 -8.62
CA LEU B 309 -10.61 36.91 -9.54
C LEU B 309 -11.77 37.80 -10.01
N ASP B 310 -11.96 37.78 -11.33
CA ASP B 310 -13.10 38.39 -12.05
C ASP B 310 -14.34 37.49 -11.92
N TYR B 311 -15.52 38.00 -12.28
CA TYR B 311 -16.87 37.41 -12.12
C TYR B 311 -16.97 36.11 -12.92
N THR B 312 -16.45 36.05 -14.15
CA THR B 312 -16.57 34.88 -15.08
C THR B 312 -15.29 34.02 -15.04
N GLU B 313 -14.28 34.44 -14.26
CA GLU B 313 -12.93 33.78 -14.25
C GLU B 313 -12.99 32.39 -13.60
N LYS B 314 -12.33 31.39 -14.21
CA LYS B 314 -12.17 30.04 -13.61
C LYS B 314 -11.07 30.13 -12.56
N PRO B 315 -11.36 29.79 -11.28
CA PRO B 315 -10.32 29.72 -10.27
C PRO B 315 -9.25 28.69 -10.64
N LEU B 316 -8.00 28.93 -10.28
CA LEU B 316 -6.94 27.89 -10.25
C LEU B 316 -7.04 27.18 -8.91
N TYR B 317 -7.85 26.13 -8.85
CA TYR B 317 -8.17 25.33 -7.64
C TYR B 317 -6.90 24.72 -7.03
N GLU B 318 -5.93 24.31 -7.86
CA GLU B 318 -4.68 23.66 -7.40
C GLU B 318 -3.84 24.67 -6.61
N ASN B 319 -3.72 25.90 -7.13
CA ASN B 319 -3.02 27.04 -6.47
C ASN B 319 -3.64 27.27 -5.09
N LEU B 320 -4.96 27.14 -4.95
CA LEU B 320 -5.68 27.38 -3.68
C LEU B 320 -5.40 26.24 -2.70
N ARG B 321 -5.47 25.00 -3.16
CA ARG B 321 -5.11 23.78 -2.36
C ARG B 321 -3.64 23.89 -1.90
N ASP B 322 -2.71 24.33 -2.76
CA ASP B 322 -1.28 24.54 -2.41
C ASP B 322 -1.14 25.51 -1.24
N ILE B 323 -1.89 26.62 -1.29
CA ILE B 323 -1.94 27.67 -0.24
C ILE B 323 -2.37 27.03 1.09
N LEU B 324 -3.46 26.26 1.10
CA LEU B 324 -3.93 25.60 2.35
C LEU B 324 -2.87 24.60 2.81
N LEU B 325 -2.19 23.93 1.88
CA LEU B 325 -1.14 22.92 2.18
C LEU B 325 0.10 23.60 2.82
N GLN B 326 0.47 24.81 2.38
CA GLN B 326 1.61 25.58 2.98
C GLN B 326 1.31 25.79 4.47
N GLY B 327 0.01 25.87 4.81
CA GLY B 327 -0.48 26.14 6.18
C GLY B 327 -0.34 24.93 7.07
N LEU B 328 -0.72 23.75 6.57
CA LEU B 328 -0.51 22.46 7.26
C LEU B 328 0.99 22.21 7.49
N LYS B 329 1.85 22.50 6.50
CA LYS B 329 3.34 22.36 6.63
C LYS B 329 3.83 23.27 7.76
N ALA B 330 3.24 24.46 7.89
CA ALA B 330 3.65 25.50 8.87
C ALA B 330 3.33 25.06 10.31
N ILE B 331 2.27 24.28 10.52
CA ILE B 331 1.88 23.80 11.88
C ILE B 331 2.43 22.39 12.10
N GLY B 332 3.36 21.95 11.25
CA GLY B 332 3.91 20.60 11.32
C GLY B 332 2.93 19.47 11.05
N SER B 333 2.02 19.67 10.10
CA SER B 333 1.01 18.67 9.72
C SER B 333 0.89 18.50 8.20
N LYS B 334 0.22 17.44 7.79
CA LYS B 334 0.04 17.10 6.39
C LYS B 334 -1.42 16.75 6.16
N ASP B 335 -1.82 16.67 4.89
CA ASP B 335 -3.20 16.35 4.58
C ASP B 335 -3.41 14.85 4.68
N ASP B 336 -3.61 14.37 5.90
CA ASP B 336 -3.81 12.96 6.16
C ASP B 336 -5.29 12.62 6.18
N GLY B 337 -6.14 13.61 5.94
CA GLY B 337 -7.59 13.37 5.91
C GLY B 337 -8.26 13.42 7.28
N LYS B 338 -7.52 13.57 8.38
CA LYS B 338 -8.06 13.63 9.77
C LYS B 338 -8.57 15.06 10.02
N LEU B 339 -9.84 15.22 10.40
CA LEU B 339 -10.42 16.53 10.75
C LEU B 339 -10.08 16.95 12.20
N ASP B 340 -9.66 15.98 13.01
CA ASP B 340 -9.22 16.18 14.43
C ASP B 340 -10.29 16.97 15.19
N LEU B 341 -11.57 16.61 15.02
CA LEU B 341 -12.72 17.15 15.79
C LEU B 341 -12.71 16.55 17.20
N GLU C 21 34.86 10.51 48.04
CA GLU C 21 36.25 10.61 47.47
C GLU C 21 36.26 11.62 46.31
N GLN C 22 35.27 11.60 45.41
CA GLN C 22 35.21 12.48 44.22
C GLN C 22 34.56 13.81 44.60
N PHE C 23 33.67 13.80 45.60
CA PHE C 23 32.95 14.99 46.10
C PHE C 23 33.11 15.08 47.62
N ALA C 24 33.04 16.31 48.16
CA ALA C 24 32.82 16.57 49.61
C ALA C 24 31.30 16.56 49.85
N VAL C 25 30.85 15.99 50.97
CA VAL C 25 29.43 16.08 51.43
C VAL C 25 29.09 17.57 51.61
N GLY C 26 28.10 18.07 50.87
CA GLY C 26 27.66 19.49 50.88
C GLY C 26 28.23 20.33 49.74
N GLU C 27 29.24 19.84 49.02
CA GLU C 27 29.87 20.51 47.84
C GLU C 27 28.78 20.91 46.84
N ILE C 28 28.93 22.09 46.23
CA ILE C 28 28.01 22.60 45.17
C ILE C 28 28.68 22.31 43.82
N ILE C 29 27.97 21.64 42.92
CA ILE C 29 28.47 21.31 41.56
C ILE C 29 27.53 21.97 40.55
N THR C 30 28.09 22.48 39.46
CA THR C 30 27.30 23.11 38.42
C THR C 30 27.42 22.29 37.14
N ASP C 31 26.28 21.96 36.56
CA ASP C 31 26.24 21.17 35.33
C ASP C 31 26.48 22.04 34.08
N MET C 32 26.55 21.39 32.93
CA MET C 32 26.80 22.07 31.67
C MET C 32 25.74 23.10 31.37
N ALA C 33 24.51 22.83 31.79
CA ALA C 33 23.38 23.70 31.56
C ALA C 33 23.32 24.84 32.58
N ALA C 34 24.31 24.84 33.47
CA ALA C 34 24.55 25.79 34.57
C ALA C 34 23.63 25.65 35.77
N ALA C 35 22.89 24.55 35.81
CA ALA C 35 22.02 24.27 36.95
C ALA C 35 22.93 23.90 38.11
N ALA C 36 22.57 24.32 39.31
CA ALA C 36 23.37 24.01 40.53
C ALA C 36 22.74 22.85 41.30
N TRP C 37 23.58 22.00 41.93
CA TRP C 37 23.20 20.82 42.74
C TRP C 37 24.11 20.74 43.97
N LYS C 38 23.62 20.21 45.10
CA LYS C 38 24.44 19.93 46.32
C LYS C 38 24.58 18.41 46.38
N VAL C 39 25.75 17.93 46.83
CA VAL C 39 26.10 16.49 46.90
C VAL C 39 25.96 16.01 48.35
N GLY C 40 25.29 14.89 48.55
CA GLY C 40 25.11 14.20 49.85
C GLY C 40 25.98 12.97 49.97
N LEU C 41 25.59 12.05 50.86
CA LEU C 41 26.36 10.82 51.21
C LEU C 41 26.43 9.92 49.99
N PRO C 42 27.49 9.08 49.86
CA PRO C 42 27.50 8.00 48.87
C PRO C 42 26.54 6.84 49.20
N ILE C 43 26.13 6.08 48.18
CA ILE C 43 25.24 4.94 48.40
C ILE C 43 25.64 3.80 47.48
N CYS C 50 30.65 4.51 42.03
CA CYS C 50 30.73 5.82 42.73
C CYS C 50 29.44 6.63 42.46
N ILE C 51 28.50 6.59 43.41
CA ILE C 51 27.14 7.22 43.37
C ILE C 51 26.98 8.06 44.64
N TYR C 52 26.46 9.28 44.54
CA TYR C 52 26.08 10.13 45.69
C TYR C 52 24.62 10.60 45.58
N LEU C 53 23.99 10.83 46.74
CA LEU C 53 22.66 11.37 46.80
C LEU C 53 22.83 12.84 46.46
N ALA C 54 21.86 13.42 45.77
CA ALA C 54 21.98 14.81 45.40
C ALA C 54 20.64 15.52 45.39
N ASP C 55 20.69 16.84 45.46
CA ASP C 55 19.47 17.68 45.42
C ASP C 55 19.82 19.00 44.75
N MET C 56 18.82 19.82 44.46
CA MET C 56 18.96 21.24 44.03
C MET C 56 19.72 22.00 45.13
N ASN C 57 20.64 22.91 44.76
CA ASN C 57 21.32 23.87 45.68
C ASN C 57 20.29 24.62 46.54
N SER C 58 20.60 24.77 47.85
CA SER C 58 19.74 25.30 48.95
C SER C 58 20.64 25.76 50.10
N SER C 59 20.06 26.50 51.04
CA SER C 59 20.52 26.61 52.45
C SER C 59 20.68 25.19 53.02
N GLU C 60 19.71 24.29 52.81
CA GLU C 60 19.60 22.99 53.52
C GLU C 60 20.62 22.01 52.93
N SER C 61 21.40 21.31 53.76
CA SER C 61 22.33 20.24 53.30
C SER C 61 21.50 19.04 52.79
N VAL C 62 22.08 18.19 51.95
CA VAL C 62 21.35 17.07 51.39
C VAL C 62 21.06 16.00 52.45
N GLY C 63 19.88 15.40 52.40
CA GLY C 63 19.51 14.40 53.38
C GLY C 63 19.11 13.03 52.86
N SER C 64 18.51 12.26 53.75
CA SER C 64 18.05 10.90 53.48
C SER C 64 16.95 10.84 52.42
N ASP C 65 16.16 11.88 52.34
CA ASP C 65 15.03 11.93 51.43
C ASP C 65 15.34 12.55 50.07
N ALA C 66 16.62 12.72 49.76
CA ALA C 66 17.02 13.32 48.49
C ALA C 66 16.42 12.54 47.34
N PRO C 67 15.85 13.25 46.37
CA PRO C 67 15.17 12.70 45.20
C PRO C 67 16.07 12.48 43.99
N CYS C 68 17.34 12.85 44.09
CA CYS C 68 18.23 12.67 42.95
C CYS C 68 19.55 12.03 43.33
N VAL C 69 20.24 11.51 42.34
CA VAL C 69 21.55 10.93 42.57
C VAL C 69 22.50 11.36 41.46
N VAL C 70 23.79 11.44 41.78
CA VAL C 70 24.84 11.77 40.78
C VAL C 70 25.78 10.55 40.62
N LYS C 71 25.91 10.01 39.41
CA LYS C 71 26.91 8.96 39.05
C LYS C 71 28.15 9.68 38.53
N VAL C 72 29.34 9.34 39.06
CA VAL C 72 30.65 9.89 38.59
C VAL C 72 31.55 8.73 38.15
N GLU C 73 32.12 8.81 36.95
CA GLU C 73 33.08 7.83 36.38
C GLU C 73 34.15 8.60 35.62
N PRO C 74 35.34 8.02 35.36
CA PRO C 74 36.32 8.71 34.51
C PRO C 74 35.75 9.02 33.10
N SER C 75 36.25 10.09 32.48
CA SER C 75 35.88 10.54 31.11
C SER C 75 36.00 9.40 30.09
N ASP C 76 36.95 8.48 30.28
CA ASP C 76 37.27 7.33 29.37
C ASP C 76 36.24 6.20 29.50
N ASN C 77 35.46 6.13 30.59
CA ASN C 77 34.45 5.07 30.84
C ASN C 77 33.42 5.06 29.72
N GLY C 78 33.41 4.01 28.90
CA GLY C 78 32.48 3.86 27.77
C GLY C 78 31.02 3.70 28.21
N PRO C 79 30.78 2.91 29.28
CA PRO C 79 29.37 2.72 29.66
C PRO C 79 28.64 3.97 30.11
N LEU C 80 29.25 4.77 30.97
CA LEU C 80 28.60 6.02 31.44
C LEU C 80 28.25 6.87 30.21
N PHE C 81 29.14 6.98 29.24
CA PHE C 81 28.85 7.75 28.05
C PHE C 81 27.63 7.18 27.33
N THR C 82 27.58 5.86 27.21
CA THR C 82 26.45 5.22 26.55
C THR C 82 25.16 5.48 27.32
N GLU C 83 25.24 5.36 28.65
CA GLU C 83 24.07 5.59 29.50
C GLU C 83 23.63 7.05 29.43
N LEU C 84 24.60 7.95 29.42
CA LEU C 84 24.33 9.37 29.36
C LEU C 84 23.64 9.76 28.08
N LYS C 85 24.08 9.20 26.96
CA LYS C 85 23.48 9.51 25.68
C LYS C 85 22.04 9.05 25.61
N PHE C 86 21.75 7.89 26.17
CA PHE C 86 20.40 7.38 26.17
C PHE C 86 19.48 8.29 26.96
N TYR C 87 19.97 8.74 28.11
CA TYR C 87 19.19 9.60 28.98
C TYR C 87 18.90 10.94 28.30
N GLN C 88 19.89 11.48 27.62
CA GLN C 88 19.74 12.75 26.92
C GLN C 88 18.72 12.69 25.78
N ARG C 89 18.72 11.58 25.05
CA ARG C 89 17.82 11.42 23.91
C ARG C 89 16.42 10.92 24.27
N ALA C 90 16.32 10.04 25.25
CA ALA C 90 15.04 9.47 25.63
C ALA C 90 14.49 9.78 27.03
N ALA C 91 15.26 10.41 27.91
CA ALA C 91 14.75 10.67 29.25
C ALA C 91 14.55 12.10 29.69
N LYS C 92 14.47 13.05 28.76
CA LYS C 92 14.25 14.44 29.15
C LYS C 92 12.93 14.53 29.92
N PRO C 93 12.91 15.21 31.08
CA PRO C 93 11.69 15.32 31.89
C PRO C 93 10.41 15.68 31.13
N GLU C 94 10.51 16.60 30.17
CA GLU C 94 9.33 17.00 29.40
C GLU C 94 8.90 15.91 28.40
N GLN C 95 9.88 15.28 27.79
CA GLN C 95 9.67 14.17 26.81
C GLN C 95 8.82 13.05 27.43
N ILE C 96 9.10 12.71 28.68
CA ILE C 96 8.39 11.66 29.39
C ILE C 96 6.99 12.08 29.81
N GLN C 97 6.85 13.30 30.32
CA GLN C 97 5.55 13.79 30.75
C GLN C 97 4.57 13.84 29.60
N LYS C 98 5.05 14.28 28.44
CA LYS C 98 4.19 14.35 27.27
C LYS C 98 3.74 12.96 26.86
N TRP C 99 4.65 12.00 26.92
CA TRP C 99 4.34 10.63 26.57
C TRP C 99 3.30 10.01 27.50
N ILE C 100 3.44 10.28 28.79
CA ILE C 100 2.51 9.76 29.78
C ILE C 100 1.12 10.31 29.56
N ARG C 101 1.04 11.58 29.21
CA ARG C 101 -0.24 12.23 28.96
C ARG C 101 -0.91 11.77 27.68
N THR C 102 -0.14 11.64 26.60
CA THR C 102 -0.73 11.22 25.29
C THR C 102 -1.08 9.74 25.30
N ARG C 103 -0.38 8.91 26.09
CA ARG C 103 -0.70 7.45 26.20
C ARG C 103 -1.64 7.21 27.39
N LYS C 104 -1.96 8.24 28.17
CA LYS C 104 -2.94 8.14 29.29
C LYS C 104 -2.46 7.05 30.27
N LEU C 105 -1.20 7.15 30.73
CA LEU C 105 -0.56 6.27 31.75
C LEU C 105 -0.65 6.93 33.14
N LYS C 106 -0.65 6.15 34.20
CA LYS C 106 -0.49 6.67 35.60
C LYS C 106 0.96 7.17 35.76
N TYR C 107 1.90 6.46 35.16
CA TYR C 107 3.33 6.81 35.20
C TYR C 107 4.09 5.98 34.17
N LEU C 108 5.32 6.38 33.90
CA LEU C 108 6.20 5.66 33.00
C LEU C 108 7.44 5.34 33.81
N GLY C 109 7.84 4.08 33.86
CA GLY C 109 9.00 3.71 34.65
C GLY C 109 10.35 3.88 33.99
N VAL C 110 10.67 5.10 33.59
CA VAL C 110 11.95 5.39 32.98
C VAL C 110 12.56 6.51 33.80
N PRO C 111 13.79 6.32 34.27
CA PRO C 111 14.37 7.39 35.08
C PRO C 111 14.54 8.74 34.37
N LYS C 112 14.31 9.84 35.07
CA LYS C 112 14.47 11.14 34.44
C LYS C 112 15.92 11.63 34.42
N TYR C 113 16.26 12.45 33.42
CA TYR C 113 17.59 13.00 33.27
C TYR C 113 17.59 14.41 33.84
N TRP C 114 18.48 14.72 34.78
CA TRP C 114 18.44 16.08 35.37
C TRP C 114 19.60 16.94 34.87
N GLY C 115 20.69 16.34 34.39
CA GLY C 115 21.87 17.08 33.93
C GLY C 115 23.13 16.24 34.01
N SER C 116 24.24 16.81 33.52
CA SER C 116 25.56 16.17 33.40
C SER C 116 26.61 17.25 33.18
N GLY C 117 27.89 16.92 33.38
CA GLY C 117 29.04 17.80 33.12
C GLY C 117 30.36 17.07 33.26
N LEU C 118 31.46 17.81 33.39
CA LEU C 118 32.84 17.31 33.59
C LEU C 118 33.35 17.88 34.91
N HIS C 119 34.16 17.14 35.65
CA HIS C 119 34.70 17.49 36.99
C HIS C 119 36.17 17.03 37.05
N ASP C 120 37.10 17.93 37.39
CA ASP C 120 38.52 17.60 37.64
C ASP C 120 38.71 17.34 39.14
N LYS C 121 39.41 16.26 39.50
CA LYS C 121 39.94 15.99 40.87
C LYS C 121 41.28 15.26 40.74
N ASN C 122 42.33 15.80 41.38
CA ASN C 122 43.67 15.16 41.44
C ASN C 122 44.19 14.97 40.01
N GLY C 123 43.88 15.90 39.09
CA GLY C 123 44.45 15.97 37.72
C GLY C 123 43.92 14.93 36.74
N LYS C 124 42.80 14.26 37.03
CA LYS C 124 42.12 13.31 36.09
C LYS C 124 40.75 13.90 35.72
N SER C 125 40.26 13.63 34.51
CA SER C 125 38.94 14.12 34.01
C SER C 125 37.85 13.10 34.31
N TYR C 126 36.78 13.52 34.99
CA TYR C 126 35.58 12.69 35.31
C TYR C 126 34.36 13.23 34.57
N ARG C 127 33.36 12.38 34.39
CA ARG C 127 32.03 12.72 33.83
C ARG C 127 31.02 12.47 34.94
N PHE C 128 30.02 13.34 35.12
CA PHE C 128 28.95 13.09 36.11
C PHE C 128 27.58 13.26 35.47
N MET C 129 26.58 12.62 36.05
CA MET C 129 25.21 12.52 35.52
C MET C 129 24.24 12.57 36.71
N ILE C 130 23.28 13.51 36.72
CA ILE C 130 22.22 13.59 37.77
C ILE C 130 21.00 12.84 37.24
N MET C 131 20.39 11.97 38.05
CA MET C 131 19.20 11.23 37.62
C MET C 131 18.32 10.95 38.85
N ASP C 132 17.13 10.40 38.61
CA ASP C 132 16.17 10.12 39.68
C ASP C 132 16.67 9.11 40.71
N ARG C 133 16.22 9.26 41.96
CA ARG C 133 16.59 8.34 43.02
C ARG C 133 15.41 7.42 43.30
N PHE C 134 15.74 6.15 43.56
CA PHE C 134 14.76 5.12 43.80
C PHE C 134 14.99 4.33 45.07
N GLY C 135 14.00 3.51 45.38
CA GLY C 135 14.02 2.63 46.54
C GLY C 135 14.71 1.31 46.26
N SER C 136 14.47 0.34 47.11
CA SER C 136 15.10 -0.96 46.96
C SER C 136 14.75 -1.67 45.66
N ASP C 137 15.73 -2.38 45.13
CA ASP C 137 15.65 -3.20 43.91
C ASP C 137 14.63 -4.32 44.20
N LEU C 138 14.05 -4.92 43.18
CA LEU C 138 13.07 -5.99 43.35
C LEU C 138 13.71 -7.30 43.78
N GLN C 139 14.96 -7.47 43.42
CA GLN C 139 15.72 -8.71 43.76
C GLN C 139 15.80 -8.85 45.29
N LYS C 140 16.10 -7.78 46.05
CA LYS C 140 16.18 -7.84 47.54
C LYS C 140 14.81 -8.30 48.08
N ILE C 141 13.71 -7.80 47.49
CA ILE C 141 12.35 -8.13 47.92
C ILE C 141 12.01 -9.58 47.56
N TYR C 142 12.25 -9.94 46.31
CA TYR C 142 12.12 -11.32 45.78
C TYR C 142 12.74 -12.30 46.78
N GLU C 143 13.98 -12.06 47.18
CA GLU C 143 14.76 -12.94 48.09
C GLU C 143 14.12 -12.95 49.47
N ALA C 144 13.64 -11.79 49.94
CA ALA C 144 12.93 -11.63 51.24
C ALA C 144 11.60 -12.38 51.22
N ASN C 145 11.01 -12.58 50.03
CA ASN C 145 9.71 -13.28 49.85
C ASN C 145 9.93 -14.76 49.44
N ALA C 146 11.13 -15.31 49.72
CA ALA C 146 11.54 -16.73 49.46
C ALA C 146 11.57 -17.04 47.95
N LYS C 147 12.17 -16.16 47.17
CA LYS C 147 12.28 -16.24 45.68
C LYS C 147 10.93 -16.63 45.05
N ARG C 148 9.82 -16.02 45.49
CA ARG C 148 8.51 -16.02 44.75
C ARG C 148 7.89 -14.60 44.70
N PHE C 149 7.12 -14.31 43.65
CA PHE C 149 6.13 -13.20 43.56
C PHE C 149 4.79 -13.79 43.16
N SER C 150 3.68 -13.30 43.73
CA SER C 150 2.30 -13.74 43.37
C SER C 150 2.05 -13.53 41.88
N ARG C 151 1.07 -14.23 41.32
CA ARG C 151 0.59 -14.03 39.93
C ARG C 151 0.16 -12.57 39.74
N LYS C 152 -0.56 -12.00 40.70
CA LYS C 152 -1.00 -10.57 40.66
C LYS C 152 0.25 -9.72 40.45
N THR C 153 1.22 -9.80 41.36
CA THR C 153 2.47 -8.99 41.31
C THR C 153 3.17 -9.13 39.95
N VAL C 154 3.32 -10.36 39.46
CA VAL C 154 4.07 -10.62 38.19
C VAL C 154 3.29 -9.97 37.04
N LEU C 155 1.98 -10.17 36.96
CA LEU C 155 1.13 -9.57 35.92
C LEU C 155 1.27 -8.05 35.96
N GLN C 156 1.18 -7.45 37.16
CA GLN C 156 1.21 -5.96 37.33
C GLN C 156 2.61 -5.44 36.96
N LEU C 157 3.68 -6.09 37.41
CA LEU C 157 5.06 -5.67 37.07
C LEU C 157 5.22 -5.67 35.55
N SER C 158 4.67 -6.68 34.88
CA SER C 158 4.95 -6.97 33.46
C SER C 158 4.25 -5.94 32.58
N LEU C 159 3.02 -5.56 32.94
CA LEU C 159 2.25 -4.49 32.25
C LEU C 159 3.05 -3.18 32.26
N ARG C 160 3.71 -2.85 33.37
CA ARG C 160 4.50 -1.60 33.52
C ARG C 160 5.82 -1.70 32.75
N ILE C 161 6.39 -2.90 32.69
CA ILE C 161 7.63 -3.15 31.95
C ILE C 161 7.38 -3.03 30.47
N LEU C 162 6.25 -3.55 30.03
CA LEU C 162 5.82 -3.42 28.61
C LEU C 162 5.69 -1.94 28.24
N ASP C 163 5.10 -1.13 29.13
CA ASP C 163 5.02 0.35 28.99
C ASP C 163 6.45 0.89 28.77
N ILE C 164 7.36 0.59 29.69
CA ILE C 164 8.74 1.03 29.60
C ILE C 164 9.41 0.59 28.29
N LEU C 165 9.26 -0.69 27.98
CA LEU C 165 9.83 -1.26 26.78
C LEU C 165 9.33 -0.54 25.55
N GLU C 166 8.00 -0.44 25.40
CA GLU C 166 7.38 0.26 24.24
C GLU C 166 8.03 1.64 24.11
N TYR C 167 8.23 2.32 25.23
CA TYR C 167 8.73 3.71 25.24
C TYR C 167 10.14 3.71 24.65
N ILE C 168 11.08 2.99 25.27
CA ILE C 168 12.51 3.04 24.84
C ILE C 168 12.63 2.49 23.40
N HIS C 169 11.83 1.50 23.03
CA HIS C 169 11.83 0.94 21.64
C HIS C 169 11.44 2.03 20.65
N GLU C 170 10.38 2.78 20.93
CA GLU C 170 9.91 3.84 20.01
C GLU C 170 10.94 4.99 19.98
N HIS C 171 11.88 4.98 20.92
CA HIS C 171 12.93 5.97 21.00
C HIS C 171 14.28 5.43 20.53
N GLU C 172 14.21 4.40 19.67
CA GLU C 172 15.35 3.69 19.05
C GLU C 172 16.32 2.96 20.00
N TYR C 173 15.84 2.44 21.13
CA TYR C 173 16.72 1.74 22.05
C TYR C 173 16.17 0.46 22.66
N VAL C 174 17.02 -0.54 22.84
CA VAL C 174 16.63 -1.74 23.61
C VAL C 174 17.56 -1.80 24.81
N HIS C 175 17.08 -2.46 25.86
CA HIS C 175 17.78 -2.60 27.11
C HIS C 175 18.69 -3.83 27.05
N GLY C 176 18.13 -5.03 26.86
CA GLY C 176 18.90 -6.26 26.79
C GLY C 176 19.36 -6.88 28.10
N ASP C 177 18.95 -6.31 29.22
CA ASP C 177 19.35 -6.83 30.52
C ASP C 177 18.28 -6.65 31.57
N ILE C 178 17.04 -6.94 31.22
CA ILE C 178 15.96 -6.80 32.20
C ILE C 178 16.05 -7.89 33.27
N LYS C 179 15.98 -7.50 34.56
CA LYS C 179 16.04 -8.43 35.68
C LYS C 179 15.62 -7.70 36.95
N ALA C 180 15.29 -8.47 37.98
CA ALA C 180 14.85 -7.93 39.29
C ALA C 180 15.85 -6.87 39.80
N SER C 181 17.17 -7.11 39.69
CA SER C 181 18.21 -6.22 40.26
C SER C 181 18.30 -4.88 39.50
N ASN C 182 17.71 -4.80 38.31
CA ASN C 182 17.66 -3.58 37.46
C ASN C 182 16.25 -2.96 37.51
N LEU C 183 15.39 -3.41 38.43
CA LEU C 183 14.05 -2.86 38.55
C LEU C 183 13.91 -2.27 39.97
N LEU C 184 13.93 -0.95 40.09
CA LEU C 184 13.81 -0.33 41.41
C LEU C 184 12.45 0.34 41.63
N LEU C 185 11.93 0.27 42.85
CA LEU C 185 10.66 0.90 43.17
C LEU C 185 10.88 2.38 43.49
N ASN C 186 9.86 3.19 43.27
CA ASN C 186 9.96 4.61 43.58
C ASN C 186 10.15 4.76 45.09
N TYR C 187 11.00 5.69 45.52
CA TYR C 187 11.27 5.88 46.94
C TYR C 187 10.07 6.41 47.73
N LYS C 188 9.19 7.12 47.05
CA LYS C 188 7.99 7.73 47.69
C LYS C 188 6.71 6.92 47.35
N ASN C 189 6.67 6.15 46.26
CA ASN C 189 5.49 5.33 45.86
C ASN C 189 5.90 3.89 45.57
N PRO C 190 5.62 2.95 46.49
CA PRO C 190 6.03 1.55 46.25
C PRO C 190 5.21 0.74 45.23
N ASP C 191 4.24 1.35 44.55
CA ASP C 191 3.44 0.69 43.49
C ASP C 191 3.96 1.07 42.09
N GLN C 192 5.08 1.78 42.01
CA GLN C 192 5.64 2.20 40.73
C GLN C 192 7.05 1.65 40.59
N VAL C 193 7.32 0.86 39.55
CA VAL C 193 8.64 0.27 39.34
C VAL C 193 9.33 0.91 38.13
N TYR C 194 10.63 1.15 38.23
CA TYR C 194 11.39 1.76 37.15
C TYR C 194 12.50 0.83 36.66
N LEU C 195 12.83 0.88 35.37
CA LEU C 195 13.89 0.05 34.81
C LEU C 195 15.16 0.89 34.72
N VAL C 196 16.25 0.42 35.32
CA VAL C 196 17.49 1.19 35.35
C VAL C 196 18.64 0.46 34.59
N ASP C 197 19.88 1.00 34.61
CA ASP C 197 21.06 0.42 33.97
C ASP C 197 21.12 0.30 32.44
N TYR C 198 21.29 1.45 31.76
CA TYR C 198 21.42 1.50 30.32
C TYR C 198 22.88 1.72 29.87
N GLY C 199 23.85 1.29 30.67
CA GLY C 199 25.26 1.37 30.33
C GLY C 199 25.59 0.52 29.12
N LEU C 200 24.90 -0.61 29.01
CA LEU C 200 25.11 -1.53 27.91
C LEU C 200 23.89 -1.59 27.00
N ALA C 201 23.13 -0.51 26.99
CA ALA C 201 21.96 -0.35 26.12
C ALA C 201 22.36 -0.26 24.66
N TYR C 202 21.43 -0.51 23.77
CA TYR C 202 21.86 -0.59 22.35
C TYR C 202 20.85 0.17 21.50
N ARG C 203 21.37 1.00 20.61
CA ARG C 203 20.58 1.80 19.65
C ARG C 203 20.40 0.94 18.40
N TYR C 204 19.37 0.11 18.45
CA TYR C 204 18.97 -0.81 17.40
C TYR C 204 18.48 -0.14 16.12
N CYS C 205 17.82 1.01 16.24
CA CYS C 205 17.24 1.68 15.10
C CYS C 205 17.61 3.15 15.02
N PRO C 206 18.89 3.45 14.75
CA PRO C 206 19.25 4.86 14.64
C PRO C 206 18.67 5.54 13.41
N GLU C 207 18.12 6.72 13.64
CA GLU C 207 17.51 7.59 12.60
C GLU C 207 16.52 6.76 11.77
N GLY C 208 15.85 5.80 12.41
CA GLY C 208 14.82 4.99 11.77
C GLY C 208 15.28 3.82 10.93
N VAL C 209 16.57 3.52 10.97
CA VAL C 209 17.16 2.40 10.17
C VAL C 209 17.54 1.24 11.09
N HIS C 210 16.82 0.11 11.03
CA HIS C 210 17.05 -1.11 11.87
C HIS C 210 18.44 -1.70 11.55
N LYS C 211 19.16 -2.10 12.58
CA LYS C 211 20.42 -2.86 12.43
C LYS C 211 20.14 -4.19 11.75
N ALA C 212 21.07 -4.63 10.93
CA ALA C 212 20.99 -5.89 10.22
C ALA C 212 21.18 -7.00 11.23
N TYR C 213 20.78 -8.21 10.86
CA TYR C 213 20.88 -9.35 11.76
C TYR C 213 22.31 -9.86 11.75
N ALA C 214 23.15 -9.21 12.55
CA ALA C 214 24.56 -9.52 12.64
C ALA C 214 25.16 -8.96 13.91
N ALA C 215 26.42 -9.32 14.15
CA ALA C 215 27.20 -8.90 15.33
C ALA C 215 27.65 -7.44 15.15
N ASP C 216 27.47 -6.60 16.17
CA ASP C 216 28.01 -5.21 16.23
C ASP C 216 29.41 -5.24 16.86
N PRO C 217 30.47 -4.81 16.15
CA PRO C 217 31.83 -4.87 16.70
C PRO C 217 32.02 -3.96 17.92
N LYS C 218 31.25 -2.86 18.01
CA LYS C 218 31.28 -1.87 19.13
C LYS C 218 30.70 -2.53 20.41
N ARG C 219 29.87 -3.56 20.26
CA ARG C 219 29.21 -4.18 21.40
C ARG C 219 29.76 -5.56 21.80
N CYS C 220 30.23 -5.71 23.05
CA CYS C 220 30.74 -7.01 23.51
C CYS C 220 29.83 -7.77 24.50
N HIS C 221 28.89 -7.09 25.15
CA HIS C 221 28.02 -7.72 26.15
C HIS C 221 26.91 -8.65 25.60
N ASP C 222 26.65 -9.77 26.30
CA ASP C 222 25.59 -10.70 25.90
C ASP C 222 24.39 -10.74 26.86
N GLY C 223 24.39 -9.88 27.88
CA GLY C 223 23.31 -9.83 28.87
C GLY C 223 23.51 -10.81 30.02
N THR C 224 22.46 -11.01 30.82
CA THR C 224 22.55 -11.96 31.93
C THR C 224 22.31 -13.34 31.29
N ILE C 225 23.18 -14.31 31.55
CA ILE C 225 23.15 -15.62 30.83
C ILE C 225 21.78 -16.28 31.06
N GLU C 226 21.26 -16.33 32.28
CA GLU C 226 19.99 -17.06 32.58
C GLU C 226 18.80 -16.40 31.88
N PHE C 227 18.82 -15.09 31.63
CA PHE C 227 17.63 -14.33 31.15
C PHE C 227 17.84 -13.89 29.70
N THR C 228 19.06 -13.82 29.16
CA THR C 228 19.30 -13.28 27.83
C THR C 228 18.57 -13.95 26.70
N SER C 229 18.46 -13.24 25.61
CA SER C 229 17.69 -13.79 24.51
C SER C 229 18.53 -14.73 23.65
N ILE C 230 17.83 -15.46 22.78
CA ILE C 230 18.44 -16.38 21.83
C ILE C 230 19.32 -15.63 20.86
N ASP C 231 18.86 -14.45 20.43
CA ASP C 231 19.60 -13.63 19.50
C ASP C 231 20.93 -13.24 20.10
N ALA C 232 20.93 -12.85 21.36
CA ALA C 232 22.15 -12.50 22.06
C ALA C 232 23.07 -13.70 22.19
N HIS C 233 22.46 -14.86 22.43
CA HIS C 233 23.19 -16.12 22.54
C HIS C 233 23.87 -16.46 21.22
N ASN C 234 23.15 -16.21 20.14
CA ASN C 234 23.64 -16.45 18.78
C ASN C 234 24.76 -15.50 18.33
N GLY C 235 25.01 -14.42 19.07
CA GLY C 235 26.07 -13.50 18.74
C GLY C 235 25.61 -12.28 17.98
N VAL C 236 24.31 -12.12 17.80
CA VAL C 236 23.84 -10.95 17.11
C VAL C 236 23.35 -9.87 18.08
N ALA C 237 23.36 -8.63 17.60
CA ALA C 237 22.92 -7.41 18.32
C ALA C 237 21.49 -7.60 18.83
N PRO C 238 21.22 -7.12 20.04
CA PRO C 238 19.89 -7.20 20.65
C PRO C 238 18.84 -6.41 19.87
N SER C 239 17.61 -6.89 19.85
CA SER C 239 16.55 -6.25 19.13
C SER C 239 15.29 -6.24 20.03
N ARG C 240 14.17 -5.76 19.51
CA ARG C 240 12.95 -5.65 20.31
C ARG C 240 12.38 -6.98 20.80
N ARG C 241 12.37 -7.99 19.94
CA ARG C 241 11.85 -9.29 20.37
C ARG C 241 12.69 -9.78 21.54
N GLY C 242 14.03 -9.58 21.49
CA GLY C 242 14.96 -9.97 22.57
C GLY C 242 14.47 -9.49 23.93
N ASP C 243 14.14 -8.21 24.03
CA ASP C 243 13.65 -7.63 25.28
C ASP C 243 12.37 -8.31 25.77
N LEU C 244 11.44 -8.57 24.86
CA LEU C 244 10.17 -9.23 25.26
C LEU C 244 10.46 -10.69 25.69
N GLU C 245 11.38 -11.35 24.99
CA GLU C 245 11.89 -12.70 25.32
C GLU C 245 12.46 -12.65 26.75
N ILE C 246 13.35 -11.71 27.03
CA ILE C 246 13.94 -11.60 28.35
C ILE C 246 12.88 -11.42 29.43
N LEU C 247 11.87 -10.59 29.15
CA LEU C 247 10.80 -10.37 30.11
C LEU C 247 10.13 -11.70 30.44
N GLY C 248 9.78 -12.46 29.41
CA GLY C 248 9.19 -13.82 29.51
C GLY C 248 9.91 -14.75 30.49
N TYR C 249 11.25 -14.79 30.44
CA TYR C 249 12.07 -15.65 31.35
C TYR C 249 12.00 -15.08 32.78
N CYS C 250 11.91 -13.77 32.90
CA CYS C 250 11.82 -13.17 34.18
C CYS C 250 10.49 -13.57 34.84
N MET C 251 9.39 -13.48 34.09
CA MET C 251 8.02 -13.80 34.59
C MET C 251 8.02 -15.19 35.23
N ILE C 252 8.61 -16.18 34.53
CA ILE C 252 8.63 -17.60 34.96
C ILE C 252 9.52 -17.75 36.20
N GLN C 253 10.72 -17.17 36.18
CA GLN C 253 11.66 -17.09 37.32
C GLN C 253 10.91 -16.54 38.55
N TRP C 254 10.19 -15.43 38.39
CA TRP C 254 9.46 -14.74 39.49
C TRP C 254 8.30 -15.60 39.99
N LEU C 255 7.55 -16.25 39.10
CA LEU C 255 6.40 -17.12 39.49
C LEU C 255 6.88 -18.40 40.20
N THR C 256 7.93 -19.06 39.69
CA THR C 256 8.29 -20.47 40.03
C THR C 256 9.50 -20.55 40.97
N GLY C 257 10.36 -19.53 40.94
CA GLY C 257 11.63 -19.50 41.71
C GLY C 257 12.78 -20.13 40.95
N HIS C 258 12.56 -20.50 39.68
CA HIS C 258 13.46 -21.39 38.91
C HIS C 258 13.38 -21.11 37.42
N LEU C 259 14.43 -21.47 36.71
CA LEU C 259 14.45 -21.67 35.24
C LEU C 259 15.09 -23.03 34.97
N PRO C 260 14.67 -23.75 33.91
CA PRO C 260 15.16 -25.11 33.65
C PRO C 260 16.69 -25.23 33.53
N TRP C 261 17.37 -24.18 33.06
CA TRP C 261 18.80 -24.17 32.68
C TRP C 261 19.68 -23.55 33.76
N GLU C 262 19.14 -23.30 34.94
CA GLU C 262 19.83 -22.50 35.99
C GLU C 262 20.98 -23.34 36.55
N ASP C 263 20.83 -24.66 36.45
CA ASP C 263 21.80 -25.64 36.93
C ASP C 263 23.16 -25.61 36.24
N ASN C 264 23.18 -25.40 34.93
CA ASN C 264 24.45 -25.38 34.23
C ASN C 264 24.64 -24.13 33.39
N LEU C 265 24.70 -23.00 34.07
CA LEU C 265 24.94 -21.71 33.45
C LEU C 265 26.35 -21.63 32.89
N LYS C 266 27.28 -22.25 33.60
CA LYS C 266 28.72 -22.22 33.26
C LYS C 266 28.89 -22.74 31.81
N ASP C 267 27.84 -23.29 31.20
CA ASP C 267 27.82 -23.87 29.83
C ASP C 267 26.82 -23.14 28.94
N PRO C 268 27.24 -22.07 28.22
CA PRO C 268 26.33 -21.25 27.43
C PRO C 268 25.62 -22.01 26.29
N LYS C 269 26.28 -22.98 25.65
CA LYS C 269 25.69 -23.70 24.49
C LYS C 269 24.49 -24.53 24.97
N TYR C 270 24.52 -25.00 26.23
CA TYR C 270 23.41 -25.77 26.86
C TYR C 270 22.24 -24.83 27.15
N VAL C 271 22.55 -23.66 27.71
CA VAL C 271 21.54 -22.62 28.02
C VAL C 271 20.86 -22.20 26.72
N ARG C 272 21.65 -21.93 25.67
CA ARG C 272 21.09 -21.51 24.36
C ARG C 272 20.17 -22.63 23.84
N ASP C 273 20.67 -23.86 23.82
CA ASP C 273 19.98 -25.06 23.31
C ASP C 273 18.65 -25.28 24.03
N SER C 274 18.66 -25.15 25.36
CA SER C 274 17.43 -25.30 26.20
C SER C 274 16.38 -24.29 25.70
N LYS C 275 16.78 -23.03 25.51
CA LYS C 275 15.89 -21.92 25.12
C LYS C 275 15.33 -22.17 23.72
N ILE C 276 16.16 -22.66 22.79
CA ILE C 276 15.71 -22.96 21.40
C ILE C 276 14.66 -24.08 21.46
N ARG C 277 14.89 -25.12 22.28
CA ARG C 277 13.98 -26.30 22.36
C ARG C 277 12.67 -25.84 23.01
N TYR C 278 12.75 -25.06 24.07
CA TYR C 278 11.55 -24.60 24.74
C TYR C 278 10.78 -23.56 23.93
N ARG C 279 11.46 -22.90 23.00
CA ARG C 279 10.79 -21.92 22.16
C ARG C 279 10.01 -22.69 21.11
N GLU C 280 10.60 -23.75 20.59
CA GLU C 280 9.93 -24.59 19.60
C GLU C 280 8.66 -25.21 20.17
N ASN C 281 8.75 -25.67 21.41
CA ASN C 281 7.62 -26.30 22.09
C ASN C 281 7.38 -25.61 23.42
N ILE C 282 6.53 -24.57 23.41
CA ILE C 282 6.21 -23.81 24.61
C ILE C 282 5.48 -24.65 25.67
N ALA C 283 4.66 -25.61 25.22
CA ALA C 283 3.91 -26.46 26.13
C ALA C 283 4.83 -27.25 27.05
N SER C 284 5.95 -27.73 26.53
CA SER C 284 6.94 -28.45 27.31
C SER C 284 7.50 -27.55 28.41
N LEU C 285 7.74 -26.29 28.08
CA LEU C 285 8.26 -25.31 29.03
C LEU C 285 7.27 -25.10 30.17
N MET C 286 5.99 -25.02 29.85
CA MET C 286 4.97 -24.83 30.88
C MET C 286 4.99 -26.05 31.80
N ASP C 287 5.03 -27.22 31.18
CA ASP C 287 5.12 -28.52 31.91
C ASP C 287 6.40 -28.56 32.76
N LYS C 288 7.55 -28.13 32.26
CA LYS C 288 8.83 -28.18 33.01
C LYS C 288 8.76 -27.26 34.23
N CYS C 289 8.31 -26.01 34.05
CA CYS C 289 8.44 -24.91 35.06
C CYS C 289 7.29 -24.92 36.07
N PHE C 290 6.11 -25.35 35.65
CA PHE C 290 4.94 -25.40 36.52
C PHE C 290 4.37 -26.82 36.60
N PRO C 291 3.71 -27.16 37.71
CA PRO C 291 3.09 -28.48 37.83
C PRO C 291 1.75 -28.56 37.07
N ALA C 292 1.14 -29.74 37.02
CA ALA C 292 -0.11 -29.89 36.28
C ALA C 292 -1.19 -28.96 36.86
N ALA C 293 -1.91 -28.25 35.98
CA ALA C 293 -3.00 -27.30 36.30
C ALA C 293 -2.57 -26.04 37.07
N ASN C 294 -1.28 -25.71 37.01
CA ASN C 294 -0.75 -24.52 37.69
C ASN C 294 -0.06 -23.55 36.71
N ALA C 295 -0.30 -23.71 35.41
CA ALA C 295 0.36 -22.92 34.39
C ALA C 295 -0.47 -21.73 33.92
N PRO C 296 -0.07 -20.51 34.28
CA PRO C 296 -0.83 -19.33 33.82
C PRO C 296 -0.93 -19.29 32.29
N GLY C 297 -2.13 -19.49 31.73
CA GLY C 297 -2.41 -19.47 30.28
C GLY C 297 -1.79 -18.25 29.60
N GLU C 298 -1.78 -17.12 30.30
CA GLU C 298 -1.28 -15.82 29.76
C GLU C 298 0.23 -15.94 29.45
N ILE C 299 1.01 -16.62 30.30
CA ILE C 299 2.48 -16.78 30.06
C ILE C 299 2.70 -17.56 28.76
N ALA C 300 1.90 -18.59 28.48
CA ALA C 300 2.06 -19.34 27.25
C ALA C 300 1.70 -18.49 26.03
N LYS C 301 0.57 -17.78 26.13
CA LYS C 301 0.07 -16.92 25.02
C LYS C 301 1.08 -15.79 24.76
N TYR C 302 1.67 -15.23 25.83
CA TYR C 302 2.78 -14.24 25.73
C TYR C 302 3.91 -14.82 24.86
N MET C 303 4.48 -15.95 25.26
CA MET C 303 5.60 -16.53 24.52
C MET C 303 5.23 -16.90 23.10
N GLU C 304 4.00 -17.34 22.89
CA GLU C 304 3.57 -17.71 21.55
C GLU C 304 3.60 -16.49 20.66
N THR C 305 3.20 -15.36 21.21
CA THR C 305 3.15 -14.07 20.48
C THR C 305 4.58 -13.59 20.22
N VAL C 306 5.46 -13.62 21.20
CA VAL C 306 6.86 -13.15 21.04
C VAL C 306 7.56 -14.04 20.00
N LYS C 307 7.22 -15.33 19.98
CA LYS C 307 7.81 -16.28 19.05
C LYS C 307 7.51 -15.93 17.59
N LEU C 308 6.34 -15.35 17.34
CA LEU C 308 5.93 -14.97 15.96
C LEU C 308 6.67 -13.73 15.46
N LEU C 309 7.44 -13.04 16.30
CA LEU C 309 8.16 -11.81 15.89
C LEU C 309 9.45 -12.16 15.14
N ASP C 310 9.58 -11.69 13.90
CA ASP C 310 10.89 -11.55 13.19
C ASP C 310 11.81 -10.56 13.95
N TYR C 311 13.11 -10.60 13.64
CA TYR C 311 14.12 -9.77 14.29
C TYR C 311 13.96 -8.26 14.23
N THR C 312 13.51 -7.77 13.08
CA THR C 312 13.32 -6.33 12.78
C THR C 312 11.85 -5.92 12.97
N GLU C 313 10.96 -6.86 13.34
CA GLU C 313 9.49 -6.62 13.41
C GLU C 313 9.12 -5.78 14.64
N LYS C 314 8.23 -4.81 14.47
CA LYS C 314 7.67 -4.01 15.61
C LYS C 314 6.63 -4.86 16.33
N PRO C 315 6.82 -5.14 17.64
CA PRO C 315 5.81 -5.83 18.42
C PRO C 315 4.48 -5.06 18.45
N LEU C 316 3.37 -5.78 18.51
CA LEU C 316 2.05 -5.22 18.90
C LEU C 316 1.95 -5.25 20.42
N TYR C 317 2.45 -4.20 21.08
CA TYR C 317 2.56 -4.07 22.56
C TYR C 317 1.17 -4.15 23.21
N GLU C 318 0.13 -3.59 22.57
CA GLU C 318 -1.25 -3.55 23.14
C GLU C 318 -1.80 -4.98 23.21
N ASN C 319 -1.59 -5.77 22.15
CA ASN C 319 -1.99 -7.21 22.09
C ASN C 319 -1.34 -7.95 23.26
N LEU C 320 -0.09 -7.64 23.61
CA LEU C 320 0.66 -8.31 24.70
C LEU C 320 0.08 -7.91 26.06
N ARG C 321 -0.20 -6.61 26.24
CA ARG C 321 -0.86 -6.08 27.47
C ARG C 321 -2.26 -6.71 27.63
N ASP C 322 -3.04 -6.86 26.54
CA ASP C 322 -4.37 -7.53 26.55
C ASP C 322 -4.25 -8.96 27.09
N ILE C 323 -3.23 -9.69 26.63
CA ILE C 323 -2.94 -11.08 27.07
C ILE C 323 -2.71 -11.09 28.59
N LEU C 324 -1.85 -10.22 29.12
CA LEU C 324 -1.60 -10.18 30.59
C LEU C 324 -2.91 -9.76 31.31
N LEU C 325 -3.73 -8.90 30.70
CA LEU C 325 -5.02 -8.44 31.26
C LEU C 325 -6.03 -9.60 31.33
N GLN C 326 -6.06 -10.51 30.34
CA GLN C 326 -6.96 -11.70 30.38
C GLN C 326 -6.61 -12.52 31.65
N GLY C 327 -5.35 -12.46 32.08
CA GLY C 327 -4.82 -13.19 33.26
C GLY C 327 -5.29 -12.61 34.57
N LEU C 328 -5.26 -11.28 34.70
CA LEU C 328 -5.83 -10.55 35.86
C LEU C 328 -7.34 -10.81 35.97
N LYS C 329 -8.09 -10.81 34.84
CA LYS C 329 -9.54 -11.13 34.82
C LYS C 329 -9.76 -12.56 35.33
N ALA C 330 -8.86 -13.48 35.00
CA ALA C 330 -8.95 -14.91 35.36
C ALA C 330 -8.75 -15.12 36.87
N ILE C 331 -7.96 -14.28 37.55
CA ILE C 331 -7.72 -14.40 39.02
C ILE C 331 -8.68 -13.45 39.76
N GLY C 332 -9.71 -12.94 39.07
CA GLY C 332 -10.64 -11.98 39.64
C GLY C 332 -10.06 -10.63 40.03
N SER C 333 -9.11 -10.13 39.23
CA SER C 333 -8.46 -8.85 39.47
C SER C 333 -8.36 -8.00 38.19
N LYS C 334 -8.03 -6.73 38.37
CA LYS C 334 -7.95 -5.78 37.28
C LYS C 334 -6.64 -5.01 37.40
N ASP C 335 -6.29 -4.27 36.36
CA ASP C 335 -5.05 -3.48 36.38
C ASP C 335 -5.31 -2.18 37.14
N ASP C 336 -5.26 -2.27 38.46
CA ASP C 336 -5.48 -1.13 39.33
C ASP C 336 -4.18 -0.43 39.67
N GLY C 337 -3.06 -0.98 39.22
CA GLY C 337 -1.75 -0.37 39.49
C GLY C 337 -1.10 -0.81 40.80
N LYS C 338 -1.77 -1.67 41.60
CA LYS C 338 -1.22 -2.19 42.89
C LYS C 338 -0.31 -3.39 42.56
N LEU C 339 0.96 -3.35 42.96
CA LEU C 339 1.87 -4.49 42.79
C LEU C 339 1.69 -5.55 43.91
N ASP C 340 1.02 -5.18 44.99
CA ASP C 340 0.73 -6.05 46.17
C ASP C 340 2.02 -6.71 46.66
N LEU C 341 3.09 -5.93 46.81
CA LEU C 341 4.36 -6.45 47.30
C LEU C 341 4.32 -6.61 48.81
N GLN D 22 -27.41 -36.95 -10.71
CA GLN D 22 -28.25 -37.68 -9.71
C GLN D 22 -29.27 -36.73 -9.07
N PHE D 23 -28.95 -35.44 -9.02
CA PHE D 23 -29.81 -34.39 -8.45
C PHE D 23 -30.50 -33.55 -9.51
N ALA D 24 -31.60 -32.88 -9.15
CA ALA D 24 -32.39 -32.07 -10.09
C ALA D 24 -31.89 -30.63 -10.02
N VAL D 25 -31.64 -30.01 -11.18
CA VAL D 25 -31.31 -28.56 -11.32
C VAL D 25 -32.51 -27.79 -10.76
N GLY D 26 -32.30 -26.97 -9.74
CA GLY D 26 -33.35 -26.16 -9.07
C GLY D 26 -33.82 -26.76 -7.75
N GLU D 27 -33.47 -28.02 -7.46
CA GLU D 27 -33.85 -28.72 -6.20
C GLU D 27 -33.46 -27.87 -4.98
N ILE D 28 -34.31 -27.83 -3.96
CA ILE D 28 -34.04 -27.09 -2.69
C ILE D 28 -33.57 -28.12 -1.66
N ILE D 29 -32.47 -27.86 -0.96
CA ILE D 29 -31.95 -28.76 0.07
C ILE D 29 -31.74 -27.97 1.37
N THR D 30 -31.88 -28.65 2.50
CA THR D 30 -31.77 -28.00 3.81
C THR D 30 -30.59 -28.44 4.68
N ASP D 31 -29.82 -27.47 5.17
CA ASP D 31 -28.66 -27.72 6.03
C ASP D 31 -28.96 -27.91 7.53
N MET D 32 -27.96 -28.37 8.27
CA MET D 32 -28.02 -28.64 9.73
C MET D 32 -28.49 -27.41 10.50
N ALA D 33 -28.35 -26.22 9.92
CA ALA D 33 -28.75 -24.98 10.55
C ALA D 33 -30.11 -24.51 10.01
N ALA D 34 -30.78 -25.40 9.30
CA ALA D 34 -32.08 -25.16 8.68
C ALA D 34 -32.07 -24.00 7.69
N ALA D 35 -30.98 -23.89 6.93
CA ALA D 35 -30.83 -22.86 5.93
C ALA D 35 -31.00 -23.52 4.57
N ALA D 36 -31.82 -22.91 3.71
CA ALA D 36 -32.12 -23.48 2.38
C ALA D 36 -31.03 -23.11 1.35
N TRP D 37 -30.85 -23.96 0.34
CA TRP D 37 -29.89 -23.78 -0.76
C TRP D 37 -30.52 -24.38 -2.03
N LYS D 38 -30.32 -23.73 -3.18
CA LYS D 38 -30.84 -24.24 -4.49
C LYS D 38 -29.62 -24.78 -5.26
N VAL D 39 -29.82 -25.85 -6.03
CA VAL D 39 -28.77 -26.56 -6.80
C VAL D 39 -28.83 -26.11 -8.26
N GLY D 40 -27.67 -25.80 -8.86
CA GLY D 40 -27.52 -25.44 -10.29
C GLY D 40 -26.87 -26.56 -11.08
N LEU D 41 -26.24 -26.21 -12.22
CA LEU D 41 -25.67 -27.20 -13.19
C LEU D 41 -24.52 -27.96 -12.55
N PRO D 42 -24.28 -29.22 -12.97
CA PRO D 42 -23.11 -29.98 -12.50
C PRO D 42 -21.80 -29.51 -13.18
N ILE D 43 -20.66 -29.85 -12.59
CA ILE D 43 -19.37 -29.47 -13.16
C ILE D 43 -18.38 -30.62 -13.09
N CYS D 50 -20.28 -36.51 -7.42
CA CYS D 50 -20.94 -35.39 -8.17
C CYS D 50 -20.80 -34.07 -7.39
N ILE D 51 -20.59 -32.96 -8.13
CA ILE D 51 -20.43 -31.62 -7.59
C ILE D 51 -21.31 -30.71 -8.47
N TYR D 52 -22.03 -29.79 -7.86
CA TYR D 52 -22.98 -28.86 -8.54
C TYR D 52 -22.77 -27.44 -8.02
N LEU D 53 -23.09 -26.45 -8.84
CA LEU D 53 -23.03 -25.06 -8.41
C LEU D 53 -24.21 -24.89 -7.44
N ALA D 54 -24.02 -24.12 -6.38
CA ALA D 54 -25.08 -23.93 -5.39
C ALA D 54 -25.14 -22.49 -4.87
N ASP D 55 -26.31 -22.10 -4.36
CA ASP D 55 -26.50 -20.76 -3.84
C ASP D 55 -27.61 -20.71 -2.80
N MET D 56 -27.66 -19.62 -2.04
CA MET D 56 -28.73 -19.37 -1.04
C MET D 56 -30.07 -19.30 -1.78
N ASN D 57 -31.12 -19.93 -1.23
CA ASN D 57 -32.48 -19.90 -1.81
C ASN D 57 -33.09 -18.54 -1.47
N SER D 61 -33.23 -18.53 -9.43
CA SER D 61 -32.53 -19.81 -9.72
C SER D 61 -31.02 -19.57 -9.84
N VAL D 62 -30.25 -20.65 -9.71
CA VAL D 62 -28.79 -20.59 -9.73
C VAL D 62 -28.27 -20.19 -11.12
N GLY D 63 -27.09 -19.57 -11.15
CA GLY D 63 -26.48 -19.17 -12.40
C GLY D 63 -25.01 -19.57 -12.42
N SER D 64 -24.30 -19.16 -13.47
CA SER D 64 -22.89 -19.49 -13.61
C SER D 64 -22.03 -18.75 -12.59
N ASP D 65 -22.52 -17.61 -12.12
CA ASP D 65 -21.78 -16.76 -11.19
C ASP D 65 -21.90 -17.17 -9.73
N ALA D 66 -22.58 -18.27 -9.46
CA ALA D 66 -22.79 -18.71 -8.09
C ALA D 66 -21.46 -18.90 -7.37
N PRO D 67 -21.39 -18.43 -6.12
CA PRO D 67 -20.23 -18.44 -5.23
C PRO D 67 -20.07 -19.69 -4.40
N CYS D 68 -21.01 -20.62 -4.48
CA CYS D 68 -20.90 -21.83 -3.68
C CYS D 68 -21.06 -23.08 -4.52
N VAL D 69 -20.65 -24.22 -3.98
CA VAL D 69 -20.80 -25.50 -4.65
C VAL D 69 -21.27 -26.52 -3.63
N VAL D 70 -21.97 -27.55 -4.08
CA VAL D 70 -22.45 -28.64 -3.19
C VAL D 70 -21.83 -29.96 -3.66
N LYS D 71 -21.20 -30.70 -2.74
CA LYS D 71 -20.60 -31.99 -3.00
C LYS D 71 -21.59 -32.98 -2.38
N VAL D 72 -22.01 -33.98 -3.15
CA VAL D 72 -23.02 -35.00 -2.73
C VAL D 72 -22.39 -36.41 -2.86
N GLU D 73 -22.55 -37.23 -1.82
CA GLU D 73 -22.20 -38.68 -1.77
C GLU D 73 -23.34 -39.42 -1.07
N PRO D 74 -23.45 -40.75 -1.18
CA PRO D 74 -24.41 -41.49 -0.34
C PRO D 74 -24.17 -41.26 1.18
N SER D 75 -25.26 -41.38 1.94
CA SER D 75 -25.30 -41.18 3.37
C SER D 75 -24.38 -42.15 4.05
N ASP D 76 -24.33 -43.38 3.53
CA ASP D 76 -23.42 -44.38 4.07
C ASP D 76 -22.14 -44.10 3.32
N ASN D 77 -21.37 -43.13 3.83
CA ASN D 77 -20.14 -42.74 3.15
C ASN D 77 -19.00 -42.51 4.11
N GLY D 78 -17.79 -42.61 3.60
CA GLY D 78 -16.62 -42.38 4.41
C GLY D 78 -15.86 -41.10 4.14
N PRO D 79 -15.58 -40.80 2.86
CA PRO D 79 -14.82 -39.62 2.46
C PRO D 79 -15.44 -38.25 2.73
N LEU D 80 -16.72 -38.07 2.42
CA LEU D 80 -17.39 -36.77 2.65
C LEU D 80 -17.61 -36.56 4.15
N PHE D 81 -17.94 -37.63 4.87
CA PHE D 81 -18.14 -37.55 6.31
C PHE D 81 -16.83 -37.26 7.03
N THR D 82 -15.72 -37.71 6.45
CA THR D 82 -14.40 -37.47 7.03
C THR D 82 -14.02 -36.01 6.85
N GLU D 83 -14.44 -35.46 5.72
CA GLU D 83 -14.20 -34.07 5.35
C GLU D 83 -14.99 -33.17 6.28
N LEU D 84 -16.29 -33.45 6.39
CA LEU D 84 -17.20 -32.73 7.30
C LEU D 84 -16.56 -32.64 8.70
N LYS D 85 -16.13 -33.77 9.26
CA LYS D 85 -15.54 -33.82 10.63
C LYS D 85 -14.30 -32.92 10.68
N PHE D 86 -13.56 -32.84 9.59
CA PHE D 86 -12.36 -32.01 9.54
C PHE D 86 -12.73 -30.54 9.57
N TYR D 87 -13.63 -30.14 8.68
CA TYR D 87 -14.05 -28.74 8.63
C TYR D 87 -14.64 -28.31 9.99
N GLN D 88 -15.50 -29.13 10.59
CA GLN D 88 -16.11 -28.81 11.91
C GLN D 88 -15.03 -28.66 13.00
N ARG D 89 -13.99 -29.47 13.00
CA ARG D 89 -13.00 -29.37 14.07
C ARG D 89 -11.81 -28.48 13.79
N ALA D 90 -11.29 -28.50 12.56
CA ALA D 90 -10.11 -27.73 12.24
C ALA D 90 -10.25 -26.53 11.31
N ALA D 91 -11.36 -26.41 10.60
CA ALA D 91 -11.49 -25.32 9.64
C ALA D 91 -12.61 -24.31 9.83
N LYS D 92 -13.10 -24.11 11.05
CA LYS D 92 -14.15 -23.10 11.25
C LYS D 92 -13.63 -21.73 10.83
N PRO D 93 -14.45 -20.90 10.15
CA PRO D 93 -14.04 -19.55 9.71
C PRO D 93 -13.30 -18.73 10.76
N GLU D 94 -13.71 -18.83 12.02
CA GLU D 94 -13.01 -18.11 13.13
C GLU D 94 -11.58 -18.63 13.30
N GLN D 95 -11.29 -19.90 13.03
CA GLN D 95 -9.96 -20.46 13.23
C GLN D 95 -9.05 -20.00 12.13
N ILE D 96 -9.58 -19.93 10.92
CA ILE D 96 -8.82 -19.50 9.78
C ILE D 96 -8.48 -18.03 9.91
N GLN D 97 -9.44 -17.22 10.35
CA GLN D 97 -9.20 -15.76 10.46
C GLN D 97 -8.20 -15.51 11.57
N LYS D 98 -8.26 -16.24 12.69
CA LYS D 98 -7.29 -16.06 13.82
C LYS D 98 -5.87 -16.42 13.31
N TRP D 99 -5.75 -17.47 12.52
CA TRP D 99 -4.45 -17.88 11.94
C TRP D 99 -3.93 -16.79 11.00
N ILE D 100 -4.76 -16.33 10.05
CA ILE D 100 -4.39 -15.27 9.05
C ILE D 100 -3.93 -14.00 9.79
N ARG D 101 -4.57 -13.66 10.91
CA ARG D 101 -4.23 -12.47 11.73
C ARG D 101 -2.84 -12.69 12.38
N THR D 102 -2.64 -13.79 13.11
CA THR D 102 -1.46 -14.01 14.00
C THR D 102 -0.23 -14.34 13.15
N ARG D 103 -0.38 -14.93 11.97
CA ARG D 103 0.78 -15.26 11.10
C ARG D 103 0.96 -14.14 10.07
N LYS D 104 0.09 -13.14 10.05
CA LYS D 104 0.27 -11.94 9.17
C LYS D 104 0.33 -12.43 7.71
N LEU D 105 -0.65 -13.24 7.27
CA LEU D 105 -0.75 -13.77 5.87
C LEU D 105 -1.70 -12.89 5.06
N LYS D 106 -1.44 -12.78 3.76
CA LYS D 106 -2.35 -12.12 2.78
C LYS D 106 -3.60 -12.99 2.63
N TYR D 107 -3.50 -14.31 2.76
CA TYR D 107 -4.66 -15.26 2.72
C TYR D 107 -4.21 -16.63 3.27
N LEU D 108 -5.14 -17.57 3.36
CA LEU D 108 -4.85 -18.93 3.76
C LEU D 108 -5.58 -19.81 2.75
N GLY D 109 -4.91 -20.79 2.18
CA GLY D 109 -5.57 -21.63 1.19
C GLY D 109 -6.37 -22.81 1.72
N VAL D 110 -7.36 -22.51 2.56
CA VAL D 110 -8.24 -23.52 3.10
C VAL D 110 -9.62 -23.03 2.74
N PRO D 111 -10.43 -23.87 2.10
CA PRO D 111 -11.74 -23.33 1.72
C PRO D 111 -12.71 -23.10 2.89
N LYS D 112 -13.66 -22.19 2.69
CA LYS D 112 -14.67 -21.94 3.71
C LYS D 112 -15.78 -22.99 3.60
N TYR D 113 -16.27 -23.47 4.75
CA TYR D 113 -17.33 -24.46 4.76
C TYR D 113 -18.64 -23.70 4.99
N TRP D 114 -19.61 -23.87 4.09
CA TRP D 114 -20.85 -23.12 4.18
C TRP D 114 -22.00 -23.86 4.87
N GLY D 115 -22.01 -25.22 4.85
CA GLY D 115 -23.03 -26.05 5.48
C GLY D 115 -23.04 -27.51 5.07
N SER D 116 -23.90 -28.31 5.70
CA SER D 116 -23.98 -29.77 5.42
C SER D 116 -25.34 -30.27 5.90
N GLY D 117 -25.82 -31.37 5.31
CA GLY D 117 -27.15 -31.93 5.63
C GLY D 117 -27.38 -33.27 4.96
N LEU D 118 -28.61 -33.74 4.92
CA LEU D 118 -29.06 -34.96 4.21
C LEU D 118 -30.10 -34.54 3.17
N HIS D 119 -30.17 -35.29 2.08
CA HIS D 119 -31.19 -35.14 1.05
C HIS D 119 -31.62 -36.52 0.51
N ASP D 120 -32.92 -36.83 0.60
CA ASP D 120 -33.48 -38.08 0.02
C ASP D 120 -34.00 -37.78 -1.39
N LYS D 121 -33.63 -38.61 -2.39
CA LYS D 121 -33.97 -38.43 -3.82
C LYS D 121 -34.04 -39.81 -4.49
N ASN D 122 -35.18 -40.13 -5.12
CA ASN D 122 -35.46 -41.45 -5.75
C ASN D 122 -35.26 -42.57 -4.70
N GLY D 123 -35.61 -42.30 -3.43
CA GLY D 123 -35.64 -43.28 -2.33
C GLY D 123 -34.28 -43.67 -1.74
N LYS D 124 -33.17 -43.00 -2.10
CA LYS D 124 -31.81 -43.28 -1.55
C LYS D 124 -31.34 -42.06 -0.75
N SER D 125 -30.62 -42.25 0.36
CA SER D 125 -30.20 -41.15 1.27
C SER D 125 -28.81 -40.62 0.89
N TYR D 126 -28.69 -39.32 0.64
CA TYR D 126 -27.41 -38.64 0.30
C TYR D 126 -26.99 -37.68 1.41
N ARG D 127 -25.69 -37.40 1.50
CA ARG D 127 -25.07 -36.41 2.40
C ARG D 127 -24.50 -35.29 1.51
N PHE D 128 -24.63 -34.03 1.90
CA PHE D 128 -24.03 -32.93 1.13
C PHE D 128 -23.20 -32.03 2.03
N MET D 129 -22.36 -31.23 1.38
CA MET D 129 -21.52 -30.23 2.04
C MET D 129 -21.52 -29.03 1.09
N ILE D 130 -21.70 -27.81 1.62
CA ILE D 130 -21.71 -26.63 0.77
C ILE D 130 -20.34 -25.97 0.92
N MET D 131 -19.63 -25.70 -0.20
CA MET D 131 -18.30 -25.07 -0.14
C MET D 131 -18.15 -23.96 -1.19
N ASP D 132 -17.08 -23.20 -1.05
CA ASP D 132 -16.74 -22.09 -1.94
C ASP D 132 -16.53 -22.56 -3.37
N ARG D 133 -16.84 -21.68 -4.31
CA ARG D 133 -16.64 -22.00 -5.71
C ARG D 133 -15.32 -21.37 -6.10
N PHE D 134 -14.41 -22.17 -6.65
CA PHE D 134 -13.11 -21.67 -7.05
C PHE D 134 -13.03 -21.59 -8.55
N GLY D 135 -11.82 -21.40 -9.09
CA GLY D 135 -11.70 -21.32 -10.53
C GLY D 135 -11.13 -22.61 -11.05
N SER D 136 -10.22 -22.53 -12.01
CA SER D 136 -9.61 -23.71 -12.58
C SER D 136 -8.70 -24.44 -11.61
N ASP D 137 -8.57 -25.74 -11.81
CA ASP D 137 -7.71 -26.58 -11.02
C ASP D 137 -6.33 -26.39 -11.70
N LEU D 138 -5.27 -26.52 -10.94
CA LEU D 138 -3.91 -26.28 -11.47
C LEU D 138 -3.55 -27.28 -12.55
N GLN D 139 -4.10 -28.51 -12.49
CA GLN D 139 -3.80 -29.60 -13.46
C GLN D 139 -4.25 -29.18 -14.88
N LYS D 140 -5.44 -28.59 -15.05
CA LYS D 140 -5.92 -28.12 -16.38
C LYS D 140 -4.92 -27.10 -16.96
N ILE D 141 -4.38 -26.22 -16.08
CA ILE D 141 -3.43 -25.13 -16.44
C ILE D 141 -2.07 -25.74 -16.80
N TYR D 142 -1.65 -26.70 -15.99
CA TYR D 142 -0.40 -27.42 -16.16
C TYR D 142 -0.36 -28.07 -17.54
N GLU D 143 -1.45 -28.74 -17.89
CA GLU D 143 -1.57 -29.48 -19.18
C GLU D 143 -1.60 -28.47 -20.34
N ALA D 144 -2.25 -27.33 -20.14
CA ALA D 144 -2.30 -26.31 -21.17
C ALA D 144 -0.91 -25.78 -21.47
N ASN D 145 -0.11 -25.58 -20.42
CA ASN D 145 1.24 -25.06 -20.61
C ASN D 145 2.32 -26.12 -20.83
N ALA D 146 2.07 -27.04 -21.76
CA ALA D 146 3.04 -28.07 -22.11
C ALA D 146 3.56 -28.89 -20.93
N LYS D 147 2.66 -29.24 -20.02
CA LYS D 147 3.02 -30.01 -18.84
C LYS D 147 4.25 -29.47 -18.12
N ARG D 148 4.35 -28.14 -18.01
CA ARG D 148 5.47 -27.52 -17.32
C ARG D 148 5.02 -26.30 -16.53
N PHE D 149 5.81 -25.91 -15.55
CA PHE D 149 5.58 -24.72 -14.75
C PHE D 149 6.95 -24.11 -14.52
N SER D 150 7.04 -22.79 -14.38
CA SER D 150 8.33 -22.10 -14.14
C SER D 150 8.81 -22.38 -12.71
N ARG D 151 10.09 -22.22 -12.46
CA ARG D 151 10.69 -22.30 -11.10
C ARG D 151 10.02 -21.28 -10.18
N LYS D 152 9.78 -20.07 -10.67
CA LYS D 152 9.07 -18.99 -9.93
C LYS D 152 7.73 -19.55 -9.46
N THR D 153 6.88 -19.96 -10.38
CA THR D 153 5.57 -20.51 -10.04
C THR D 153 5.61 -21.65 -9.02
N VAL D 154 6.51 -22.60 -9.22
CA VAL D 154 6.62 -23.78 -8.32
C VAL D 154 6.98 -23.28 -6.91
N LEU D 155 7.98 -22.41 -6.80
CA LEU D 155 8.42 -21.86 -5.51
C LEU D 155 7.26 -21.11 -4.85
N GLN D 156 6.52 -20.29 -5.62
CA GLN D 156 5.41 -19.46 -5.08
C GLN D 156 4.26 -20.37 -4.64
N LEU D 157 3.89 -21.38 -5.45
CA LEU D 157 2.83 -22.35 -5.08
C LEU D 157 3.19 -23.04 -3.78
N SER D 158 4.46 -23.40 -3.63
CA SER D 158 4.95 -24.28 -2.54
C SER D 158 4.93 -23.54 -1.22
N LEU D 159 5.32 -22.26 -1.23
CA LEU D 159 5.26 -21.38 -0.04
C LEU D 159 3.82 -21.28 0.48
N ARG D 160 2.83 -21.24 -0.41
CA ARG D 160 1.38 -21.12 -0.01
C ARG D 160 0.87 -22.46 0.49
N ILE D 161 1.36 -23.56 -0.09
CA ILE D 161 1.00 -24.91 0.33
C ILE D 161 1.56 -25.15 1.73
N LEU D 162 2.80 -24.75 1.94
CA LEU D 162 3.44 -24.85 3.28
C LEU D 162 2.61 -24.12 4.33
N ASP D 163 2.08 -22.94 4.00
CA ASP D 163 1.14 -22.16 4.85
C ASP D 163 -0.05 -23.08 5.19
N ILE D 164 -0.70 -23.65 4.18
CA ILE D 164 -1.89 -24.55 4.36
C ILE D 164 -1.50 -25.77 5.21
N LEU D 165 -0.37 -26.37 4.87
CA LEU D 165 0.09 -27.55 5.57
C LEU D 165 0.33 -27.25 7.03
N GLU D 166 1.12 -26.21 7.32
CA GLU D 166 1.44 -25.83 8.72
C GLU D 166 0.11 -25.64 9.47
N TYR D 167 -0.86 -25.03 8.82
CA TYR D 167 -2.16 -24.78 9.44
C TYR D 167 -2.88 -26.05 9.85
N ILE D 168 -3.11 -26.96 8.90
CA ILE D 168 -3.88 -28.19 9.21
C ILE D 168 -3.06 -29.05 10.19
N HIS D 169 -1.74 -29.07 10.07
CA HIS D 169 -0.85 -29.86 10.97
C HIS D 169 -1.02 -29.37 12.40
N GLU D 170 -1.00 -28.07 12.60
CA GLU D 170 -1.12 -27.47 13.97
C GLU D 170 -2.54 -27.67 14.48
N HIS D 171 -3.45 -28.10 13.61
CA HIS D 171 -4.83 -28.37 13.98
C HIS D 171 -5.09 -29.89 14.02
N GLU D 172 -4.01 -30.64 14.19
CA GLU D 172 -3.97 -32.12 14.30
C GLU D 172 -4.43 -32.92 13.08
N TYR D 173 -4.23 -32.38 11.88
CA TYR D 173 -4.65 -33.09 10.69
C TYR D 173 -3.65 -33.07 9.54
N VAL D 174 -3.59 -34.16 8.78
CA VAL D 174 -2.78 -34.17 7.53
C VAL D 174 -3.73 -34.44 6.36
N HIS D 175 -3.33 -34.01 5.17
CA HIS D 175 -4.10 -34.15 3.96
C HIS D 175 -3.83 -35.51 3.31
N GLY D 176 -2.58 -35.76 2.94
CA GLY D 176 -2.18 -37.02 2.34
C GLY D 176 -2.44 -37.22 0.85
N ASP D 177 -3.00 -36.22 0.18
CA ASP D 177 -3.30 -36.33 -1.24
C ASP D 177 -3.05 -35.03 -2.00
N ILE D 178 -1.96 -34.33 -1.71
CA ILE D 178 -1.69 -33.08 -2.41
C ILE D 178 -1.35 -33.32 -3.88
N LYS D 179 -1.98 -32.58 -4.80
CA LYS D 179 -1.73 -32.70 -6.25
C LYS D 179 -2.36 -31.53 -6.98
N ALA D 180 -1.92 -31.29 -8.22
CA ALA D 180 -2.42 -30.17 -9.07
C ALA D 180 -3.96 -30.20 -9.12
N SER D 181 -4.59 -31.37 -9.25
CA SER D 181 -6.06 -31.49 -9.45
C SER D 181 -6.82 -31.18 -8.15
N ASN D 182 -6.13 -31.13 -7.01
CA ASN D 182 -6.70 -30.75 -5.69
C ASN D 182 -6.27 -29.33 -5.30
N LEU D 183 -5.74 -28.55 -6.24
CA LEU D 183 -5.34 -27.17 -5.97
C LEU D 183 -6.11 -26.26 -6.92
N LEU D 184 -7.10 -25.53 -6.40
CA LEU D 184 -7.88 -24.66 -7.26
C LEU D 184 -7.62 -23.17 -7.00
N LEU D 185 -7.57 -22.36 -8.05
CA LEU D 185 -7.35 -20.93 -7.91
C LEU D 185 -8.62 -20.23 -7.43
N ASN D 186 -8.46 -19.10 -6.75
CA ASN D 186 -9.62 -18.34 -6.29
C ASN D 186 -10.36 -17.84 -7.54
N TYR D 187 -11.68 -17.90 -7.52
CA TYR D 187 -12.51 -17.48 -8.65
C TYR D 187 -12.35 -16.01 -9.03
N LYS D 188 -12.05 -15.19 -8.02
CA LYS D 188 -11.92 -13.71 -8.17
C LYS D 188 -10.43 -13.29 -8.16
N ASN D 189 -9.51 -14.06 -7.59
CA ASN D 189 -8.06 -13.70 -7.53
C ASN D 189 -7.20 -14.89 -7.98
N PRO D 190 -6.67 -14.88 -9.22
CA PRO D 190 -5.83 -15.98 -9.71
C PRO D 190 -4.41 -16.11 -9.12
N ASP D 191 -4.02 -15.29 -8.13
CA ASP D 191 -2.71 -15.40 -7.43
C ASP D 191 -2.87 -16.14 -6.08
N GLN D 192 -4.06 -16.66 -5.79
CA GLN D 192 -4.37 -17.36 -4.51
C GLN D 192 -4.87 -18.78 -4.80
N VAL D 193 -4.14 -19.75 -4.28
CA VAL D 193 -4.39 -21.19 -4.52
C VAL D 193 -4.90 -21.78 -3.20
N TYR D 194 -5.88 -22.69 -3.31
CA TYR D 194 -6.48 -23.33 -2.18
C TYR D 194 -6.39 -24.86 -2.34
N LEU D 195 -6.12 -25.55 -1.24
CA LEU D 195 -6.05 -27.01 -1.22
C LEU D 195 -7.42 -27.54 -0.82
N VAL D 196 -8.09 -28.21 -1.77
CA VAL D 196 -9.42 -28.70 -1.59
C VAL D 196 -9.41 -30.22 -1.49
N ASP D 197 -10.58 -30.82 -1.37
CA ASP D 197 -10.72 -32.28 -1.26
C ASP D 197 -10.02 -33.04 -0.12
N TYR D 198 -10.44 -32.81 1.12
CA TYR D 198 -9.87 -33.53 2.26
C TYR D 198 -10.52 -34.90 2.56
N GLY D 199 -10.70 -35.74 1.54
CA GLY D 199 -11.27 -37.06 1.66
C GLY D 199 -10.45 -38.07 2.46
N LEU D 200 -9.13 -38.03 2.28
CA LEU D 200 -8.23 -38.94 2.99
C LEU D 200 -7.57 -38.33 4.22
N ALA D 201 -8.01 -37.13 4.59
CA ALA D 201 -7.45 -36.43 5.74
C ALA D 201 -7.46 -37.30 6.99
N TYR D 202 -6.35 -37.26 7.73
CA TYR D 202 -6.22 -38.08 8.92
C TYR D 202 -5.86 -37.28 10.16
N ARG D 203 -6.54 -37.57 11.27
CA ARG D 203 -6.28 -36.88 12.56
C ARG D 203 -5.14 -37.63 13.24
N TYR D 204 -3.93 -37.28 12.85
CA TYR D 204 -2.69 -37.86 13.34
C TYR D 204 -2.38 -37.65 14.82
N CYS D 205 -2.73 -36.48 15.35
CA CYS D 205 -2.38 -36.14 16.71
C CYS D 205 -3.59 -35.67 17.50
N PRO D 206 -4.51 -36.58 17.80
CA PRO D 206 -5.67 -36.15 18.57
C PRO D 206 -5.32 -35.79 20.00
N GLU D 207 -5.86 -34.66 20.44
CA GLU D 207 -5.68 -34.12 21.81
C GLU D 207 -4.18 -34.08 22.15
N GLY D 208 -3.35 -33.84 21.12
CA GLY D 208 -1.89 -33.66 21.26
C GLY D 208 -1.08 -34.96 21.30
N VAL D 209 -1.72 -36.14 21.16
CA VAL D 209 -1.04 -37.47 21.25
C VAL D 209 -0.85 -38.06 19.83
N HIS D 210 0.39 -38.12 19.33
CA HIS D 210 0.72 -38.63 17.97
C HIS D 210 0.35 -40.12 17.85
N LYS D 211 -0.26 -40.51 16.74
CA LYS D 211 -0.50 -41.94 16.35
C LYS D 211 0.84 -42.66 16.30
N ALA D 212 0.95 -43.83 16.94
CA ALA D 212 2.19 -44.64 16.98
C ALA D 212 2.45 -45.21 15.58
N TYR D 213 3.70 -45.34 15.17
CA TYR D 213 4.08 -45.97 13.89
C TYR D 213 3.60 -47.41 13.92
N ALA D 214 2.85 -47.85 12.91
CA ALA D 214 2.47 -49.27 12.70
C ALA D 214 2.03 -49.47 11.24
N ALA D 215 2.36 -50.60 10.61
CA ALA D 215 1.95 -50.92 9.22
C ALA D 215 0.67 -51.75 9.28
N ASP D 216 -0.40 -51.27 8.66
CA ASP D 216 -1.71 -51.93 8.49
C ASP D 216 -1.80 -52.35 7.04
N PRO D 217 -2.00 -53.64 6.72
CA PRO D 217 -2.11 -54.08 5.32
C PRO D 217 -3.32 -53.46 4.58
N LYS D 218 -4.39 -53.12 5.31
CA LYS D 218 -5.61 -52.47 4.76
C LYS D 218 -5.31 -51.03 4.32
N ARG D 219 -4.21 -50.43 4.79
CA ARG D 219 -3.80 -49.03 4.45
C ARG D 219 -2.81 -48.96 3.28
N CYS D 220 -2.22 -50.08 2.87
CA CYS D 220 -1.12 -50.12 1.87
C CYS D 220 -1.50 -49.36 0.60
N HIS D 221 -0.62 -48.46 0.15
CA HIS D 221 -0.72 -47.65 -1.09
C HIS D 221 -1.92 -46.69 -1.09
N ASP D 222 -2.19 -46.07 0.06
CA ASP D 222 -3.18 -44.96 0.20
C ASP D 222 -2.67 -43.75 -0.58
N GLY D 223 -3.60 -42.95 -1.08
CA GLY D 223 -3.28 -41.70 -1.77
C GLY D 223 -3.28 -41.89 -3.26
N THR D 224 -2.64 -40.97 -4.00
CA THR D 224 -2.46 -41.04 -5.47
C THR D 224 -1.08 -41.63 -5.70
N ILE D 225 -1.01 -42.73 -6.47
CA ILE D 225 0.14 -43.67 -6.45
C ILE D 225 1.42 -42.92 -6.81
N GLU D 226 1.43 -42.10 -7.86
CA GLU D 226 2.67 -41.41 -8.33
C GLU D 226 3.18 -40.42 -7.27
N PHE D 227 2.32 -39.85 -6.43
CA PHE D 227 2.72 -38.75 -5.51
C PHE D 227 2.73 -39.21 -4.04
N THR D 228 2.06 -40.31 -3.70
CA THR D 228 1.82 -40.69 -2.28
C THR D 228 3.16 -40.87 -1.55
N SER D 229 3.15 -40.95 -0.23
CA SER D 229 4.37 -41.05 0.60
C SER D 229 4.82 -42.52 0.73
N ILE D 230 6.06 -42.70 1.20
CA ILE D 230 6.60 -44.02 1.44
C ILE D 230 5.82 -44.64 2.60
N ASP D 231 5.54 -43.84 3.63
CA ASP D 231 4.74 -44.28 4.79
C ASP D 231 3.43 -44.90 4.27
N ALA D 232 2.74 -44.20 3.36
CA ALA D 232 1.44 -44.62 2.78
C ALA D 232 1.66 -45.94 2.03
N HIS D 233 2.74 -46.05 1.25
CA HIS D 233 3.11 -47.28 0.49
C HIS D 233 3.24 -48.45 1.49
N ASN D 234 3.83 -48.20 2.66
CA ASN D 234 4.13 -49.25 3.68
C ASN D 234 2.88 -49.58 4.52
N GLY D 235 1.74 -48.96 4.21
CA GLY D 235 0.48 -49.11 4.97
C GLY D 235 0.51 -48.45 6.35
N VAL D 236 1.36 -47.47 6.56
CA VAL D 236 1.42 -46.66 7.81
C VAL D 236 0.47 -45.47 7.65
N ALA D 237 -0.27 -45.11 8.70
CA ALA D 237 -1.13 -43.90 8.74
C ALA D 237 -0.30 -42.67 8.36
N PRO D 238 -0.89 -41.76 7.59
CA PRO D 238 -0.20 -40.54 7.15
C PRO D 238 0.19 -39.63 8.31
N SER D 239 1.36 -39.02 8.17
CA SER D 239 1.93 -38.12 9.17
C SER D 239 2.43 -36.87 8.46
N ARG D 240 2.97 -35.94 9.22
CA ARG D 240 3.44 -34.69 8.65
C ARG D 240 4.55 -34.84 7.60
N ARG D 241 5.53 -35.71 7.82
CA ARG D 241 6.60 -35.89 6.82
C ARG D 241 5.98 -36.38 5.51
N GLY D 242 4.95 -37.23 5.58
CA GLY D 242 4.24 -37.71 4.39
C GLY D 242 3.80 -36.55 3.51
N ASP D 243 3.11 -35.59 4.08
CA ASP D 243 2.62 -34.43 3.34
C ASP D 243 3.75 -33.63 2.71
N LEU D 244 4.84 -33.41 3.44
CA LEU D 244 5.97 -32.62 2.87
C LEU D 244 6.63 -33.44 1.75
N GLU D 245 6.65 -34.75 1.92
CA GLU D 245 7.19 -35.67 0.94
C GLU D 245 6.35 -35.59 -0.33
N ILE D 246 5.03 -35.65 -0.18
CA ILE D 246 4.12 -35.56 -1.32
C ILE D 246 4.32 -34.26 -2.08
N LEU D 247 4.43 -33.16 -1.37
CA LEU D 247 4.64 -31.87 -2.00
C LEU D 247 5.89 -31.93 -2.85
N GLY D 248 7.01 -32.40 -2.27
CA GLY D 248 8.30 -32.59 -2.96
C GLY D 248 8.18 -33.29 -4.31
N TYR D 249 7.37 -34.37 -4.42
CA TYR D 249 7.15 -35.10 -5.70
C TYR D 249 6.36 -34.21 -6.64
N CYS D 250 5.46 -33.38 -6.15
CA CYS D 250 4.71 -32.48 -7.01
C CYS D 250 5.64 -31.41 -7.58
N MET D 251 6.53 -30.88 -6.74
CA MET D 251 7.48 -29.81 -7.18
C MET D 251 8.28 -30.30 -8.39
N ILE D 252 8.80 -31.53 -8.32
CA ILE D 252 9.66 -32.14 -9.36
C ILE D 252 8.83 -32.41 -10.62
N GLN D 253 7.66 -33.01 -10.45
CA GLN D 253 6.66 -33.25 -11.53
C GLN D 253 6.38 -31.92 -12.24
N TRP D 254 6.15 -30.84 -11.49
CA TRP D 254 5.87 -29.54 -12.11
C TRP D 254 7.06 -28.98 -12.85
N LEU D 255 8.20 -28.97 -12.19
CA LEU D 255 9.42 -28.43 -12.81
C LEU D 255 9.93 -29.17 -14.03
N THR D 256 9.98 -30.50 -13.96
CA THR D 256 10.54 -31.30 -15.05
C THR D 256 9.55 -31.93 -16.01
N GLY D 257 8.30 -32.07 -15.60
CA GLY D 257 7.28 -32.69 -16.43
C GLY D 257 7.10 -34.18 -16.20
N HIS D 258 8.02 -34.82 -15.46
CA HIS D 258 7.95 -36.27 -15.18
C HIS D 258 8.46 -36.66 -13.78
N LEU D 259 8.15 -37.90 -13.39
CA LEU D 259 8.71 -38.58 -12.19
C LEU D 259 9.35 -39.88 -12.68
N PRO D 260 10.45 -40.34 -12.04
CA PRO D 260 11.16 -41.52 -12.53
C PRO D 260 10.30 -42.78 -12.67
N TRP D 261 9.26 -42.94 -11.85
CA TRP D 261 8.46 -44.20 -11.70
C TRP D 261 7.14 -44.11 -12.46
N GLU D 262 6.96 -43.08 -13.30
CA GLU D 262 5.68 -42.81 -13.99
C GLU D 262 5.43 -43.91 -15.03
N ASP D 263 6.51 -44.57 -15.46
CA ASP D 263 6.49 -45.63 -16.46
C ASP D 263 5.72 -46.88 -16.03
N ASN D 264 5.85 -47.27 -14.76
CA ASN D 264 5.15 -48.46 -14.30
C ASN D 264 4.37 -48.22 -13.03
N LEU D 265 3.36 -47.38 -13.14
CA LEU D 265 2.44 -47.06 -12.05
C LEU D 265 1.59 -48.26 -11.68
N LYS D 266 1.23 -49.03 -12.70
CA LYS D 266 0.33 -50.21 -12.57
C LYS D 266 0.95 -51.18 -11.54
N ASP D 267 2.21 -50.95 -11.12
CA ASP D 267 2.98 -51.78 -10.16
C ASP D 267 3.36 -50.96 -8.92
N PRO D 268 2.54 -50.99 -7.86
CA PRO D 268 2.80 -50.17 -6.66
C PRO D 268 4.11 -50.51 -5.92
N LYS D 269 4.52 -51.78 -5.88
CA LYS D 269 5.73 -52.20 -5.12
C LYS D 269 6.97 -51.58 -5.80
N TYR D 270 6.91 -51.39 -7.12
CA TYR D 270 8.01 -50.78 -7.91
C TYR D 270 8.09 -49.29 -7.60
N VAL D 271 6.93 -48.62 -7.58
CA VAL D 271 6.81 -47.18 -7.24
C VAL D 271 7.34 -46.99 -5.82
N ARG D 272 6.92 -47.82 -4.87
CA ARG D 272 7.40 -47.72 -3.50
C ARG D 272 8.91 -47.89 -3.43
N ASP D 273 9.41 -48.95 -4.04
CA ASP D 273 10.83 -49.26 -4.03
C ASP D 273 11.65 -48.17 -4.69
N SER D 274 11.14 -47.62 -5.78
CA SER D 274 11.84 -46.56 -6.48
C SER D 274 12.00 -45.36 -5.57
N LYS D 275 10.94 -45.00 -4.85
CA LYS D 275 10.97 -43.88 -3.94
C LYS D 275 11.94 -44.12 -2.80
N ILE D 276 11.97 -45.35 -2.29
CA ILE D 276 12.88 -45.69 -1.21
C ILE D 276 14.33 -45.57 -1.64
N ARG D 277 14.64 -46.03 -2.85
CA ARG D 277 15.99 -45.93 -3.37
C ARG D 277 16.39 -44.48 -3.52
N TYR D 278 15.45 -43.69 -4.04
CA TYR D 278 15.68 -42.27 -4.23
C TYR D 278 15.85 -41.54 -2.91
N ARG D 279 15.10 -41.96 -1.90
CA ARG D 279 15.25 -41.37 -0.58
C ARG D 279 16.64 -41.66 -0.03
N GLU D 280 17.11 -42.90 -0.24
CA GLU D 280 18.42 -43.32 0.24
C GLU D 280 19.57 -42.51 -0.36
N ASN D 281 19.45 -42.15 -1.64
CA ASN D 281 20.47 -41.35 -2.31
C ASN D 281 19.77 -40.25 -3.11
N ILE D 282 19.60 -39.09 -2.49
CA ILE D 282 18.91 -37.99 -3.15
C ILE D 282 19.66 -37.45 -4.37
N ALA D 283 20.98 -37.55 -4.37
CA ALA D 283 21.78 -37.09 -5.50
C ALA D 283 21.38 -37.79 -6.79
N SER D 284 21.09 -39.08 -6.73
CA SER D 284 20.64 -39.84 -7.90
C SER D 284 19.32 -39.26 -8.42
N LEU D 285 18.42 -38.91 -7.51
CA LEU D 285 17.13 -38.35 -7.88
C LEU D 285 17.34 -37.05 -8.66
N MET D 286 18.21 -36.20 -8.14
CA MET D 286 18.55 -34.91 -8.80
C MET D 286 19.15 -35.20 -10.19
N ASP D 287 20.06 -36.17 -10.29
CA ASP D 287 20.65 -36.62 -11.58
C ASP D 287 19.55 -37.19 -12.50
N LYS D 288 18.63 -38.01 -11.99
CA LYS D 288 17.56 -38.64 -12.83
C LYS D 288 16.63 -37.55 -13.39
N CYS D 289 16.15 -36.63 -12.54
CA CYS D 289 15.03 -35.71 -12.88
C CYS D 289 15.52 -34.43 -13.57
N PHE D 290 16.75 -33.96 -13.26
CA PHE D 290 17.29 -32.64 -13.69
C PHE D 290 18.65 -32.82 -14.36
N PRO D 291 18.99 -31.97 -15.35
CA PRO D 291 20.38 -31.84 -15.82
C PRO D 291 21.28 -31.21 -14.74
N ALA D 292 22.57 -31.54 -14.75
CA ALA D 292 23.58 -30.93 -13.85
C ALA D 292 23.58 -29.39 -13.96
N ALA D 293 23.40 -28.88 -15.17
CA ALA D 293 23.48 -27.44 -15.44
C ALA D 293 22.45 -26.61 -14.71
N ASN D 294 21.21 -27.09 -14.67
CA ASN D 294 20.16 -26.36 -13.99
C ASN D 294 19.38 -27.29 -13.07
N ALA D 295 20.04 -27.72 -12.00
CA ALA D 295 19.39 -28.58 -11.03
C ALA D 295 19.16 -27.66 -9.86
N PRO D 296 17.90 -27.46 -9.48
CA PRO D 296 17.71 -26.52 -8.39
C PRO D 296 18.24 -27.04 -7.07
N GLY D 297 19.06 -26.22 -6.43
CA GLY D 297 19.64 -26.54 -5.12
C GLY D 297 18.56 -26.60 -4.06
N GLU D 298 17.50 -25.78 -4.16
CA GLU D 298 16.43 -25.70 -3.13
C GLU D 298 15.66 -27.02 -3.11
N ILE D 299 15.43 -27.65 -4.27
CA ILE D 299 14.70 -28.95 -4.33
C ILE D 299 15.54 -30.03 -3.63
N ALA D 300 16.85 -30.04 -3.83
CA ALA D 300 17.70 -31.02 -3.18
C ALA D 300 17.67 -30.81 -1.68
N LYS D 301 17.80 -29.55 -1.26
CA LYS D 301 17.79 -29.21 0.16
C LYS D 301 16.46 -29.55 0.80
N TYR D 302 15.37 -29.30 0.09
CA TYR D 302 14.05 -29.59 0.62
C TYR D 302 13.87 -31.09 0.86
N MET D 303 14.31 -31.90 -0.09
CA MET D 303 14.21 -33.34 0.02
C MET D 303 15.05 -33.87 1.18
N GLU D 304 16.23 -33.30 1.35
CA GLU D 304 17.13 -33.72 2.41
C GLU D 304 16.51 -33.46 3.77
N THR D 305 15.88 -32.30 3.91
CA THR D 305 15.24 -31.94 5.17
C THR D 305 14.11 -32.91 5.47
N VAL D 306 13.34 -33.26 4.45
CA VAL D 306 12.24 -34.19 4.62
C VAL D 306 12.74 -35.59 4.99
N LYS D 307 13.89 -35.97 4.44
CA LYS D 307 14.47 -37.27 4.72
C LYS D 307 14.85 -37.39 6.19
N LEU D 308 15.33 -36.30 6.77
CA LEU D 308 15.72 -36.27 8.18
C LEU D 308 14.55 -36.35 9.19
N LEU D 309 13.32 -36.09 8.74
CA LEU D 309 12.14 -36.15 9.62
C LEU D 309 11.80 -37.59 10.00
N ASP D 310 11.82 -37.90 11.30
CA ASP D 310 11.13 -39.08 11.89
C ASP D 310 9.61 -38.95 11.68
N TYR D 311 8.87 -40.05 11.88
CA TYR D 311 7.42 -40.22 11.64
C TYR D 311 6.59 -39.25 12.49
N THR D 312 6.96 -39.07 13.76
CA THR D 312 6.22 -38.26 14.77
C THR D 312 6.85 -36.87 14.93
N GLU D 313 7.92 -36.56 14.19
CA GLU D 313 8.71 -35.31 14.35
C GLU D 313 7.95 -34.11 13.78
N LYS D 314 7.94 -32.98 14.52
CA LYS D 314 7.36 -31.71 14.05
C LYS D 314 8.34 -31.07 13.08
N PRO D 315 7.93 -30.81 11.82
CA PRO D 315 8.79 -30.10 10.87
C PRO D 315 9.12 -28.70 11.41
N LEU D 316 10.31 -28.20 11.11
CA LEU D 316 10.66 -26.77 11.27
C LEU D 316 10.23 -26.09 9.97
N TYR D 317 8.99 -25.59 9.95
CA TYR D 317 8.32 -25.02 8.75
C TYR D 317 9.06 -23.76 8.28
N GLU D 318 9.62 -22.96 9.19
CA GLU D 318 10.38 -21.76 8.79
C GLU D 318 11.64 -22.10 8.02
N ASN D 319 12.39 -23.07 8.52
CA ASN D 319 13.60 -23.61 7.84
C ASN D 319 13.22 -24.04 6.40
N LEU D 320 12.04 -24.62 6.20
CA LEU D 320 11.59 -25.10 4.86
C LEU D 320 11.25 -23.93 3.96
N ARG D 321 10.51 -22.95 4.50
CA ARG D 321 10.18 -21.69 3.78
C ARG D 321 11.49 -20.95 3.42
N ASP D 322 12.48 -20.89 4.32
CA ASP D 322 13.81 -20.25 4.06
C ASP D 322 14.49 -20.92 2.86
N ILE D 323 14.46 -22.25 2.80
CA ILE D 323 15.03 -23.05 1.68
C ILE D 323 14.37 -22.63 0.36
N LEU D 324 13.03 -22.58 0.30
CA LEU D 324 12.34 -22.18 -0.95
C LEU D 324 12.67 -20.72 -1.26
N LEU D 325 12.83 -19.87 -0.23
CA LEU D 325 13.18 -18.43 -0.39
C LEU D 325 14.60 -18.27 -0.95
N GLN D 326 15.57 -19.12 -0.55
CA GLN D 326 16.96 -19.07 -1.10
C GLN D 326 16.88 -19.28 -2.61
N GLY D 327 15.86 -20.03 -3.07
CA GLY D 327 15.64 -20.39 -4.49
C GLY D 327 15.13 -19.21 -5.29
N LEU D 328 14.15 -18.47 -4.76
CA LEU D 328 13.66 -17.20 -5.36
C LEU D 328 14.80 -16.16 -5.43
N LYS D 329 15.62 -16.03 -4.38
CA LYS D 329 16.81 -15.11 -4.38
C LYS D 329 17.78 -15.51 -5.51
N ALA D 330 17.92 -16.83 -5.75
CA ALA D 330 18.86 -17.39 -6.75
C ALA D 330 18.41 -17.08 -8.18
N ILE D 331 17.10 -16.97 -8.44
CA ILE D 331 16.57 -16.61 -9.79
C ILE D 331 16.32 -15.11 -9.87
N GLY D 332 16.85 -14.34 -8.91
CA GLY D 332 16.62 -12.91 -8.83
C GLY D 332 15.19 -12.45 -8.58
N SER D 333 14.47 -13.15 -7.71
CA SER D 333 13.08 -12.83 -7.36
C SER D 333 12.80 -12.94 -5.86
N LYS D 334 11.61 -12.49 -5.47
CA LYS D 334 11.18 -12.48 -4.08
C LYS D 334 9.75 -13.01 -4.02
N ASP D 335 9.29 -13.34 -2.82
CA ASP D 335 7.94 -13.84 -2.66
C ASP D 335 6.99 -12.66 -2.64
N ASP D 336 6.61 -12.22 -3.83
CA ASP D 336 5.70 -11.10 -4.01
C ASP D 336 4.25 -11.58 -4.06
N GLY D 337 4.04 -12.89 -3.99
CA GLY D 337 2.68 -13.44 -4.04
C GLY D 337 2.17 -13.71 -5.45
N LYS D 338 2.92 -13.38 -6.51
CA LYS D 338 2.53 -13.61 -7.93
C LYS D 338 2.87 -15.07 -8.28
N LEU D 339 1.88 -15.82 -8.78
CA LEU D 339 2.10 -17.20 -9.17
C LEU D 339 2.59 -17.24 -10.61
N ASP D 340 2.30 -16.18 -11.36
CA ASP D 340 2.71 -16.03 -12.75
C ASP D 340 2.31 -17.20 -13.63
N LEU D 341 1.08 -17.68 -13.46
CA LEU D 341 0.59 -18.78 -14.26
C LEU D 341 0.32 -18.34 -15.70
S SO4 E . -5.26 26.23 -44.80
O1 SO4 E . -3.93 26.40 -45.35
O2 SO4 E . -6.09 25.54 -45.76
O3 SO4 E . -5.17 25.43 -43.61
O4 SO4 E . -5.84 27.52 -44.51
S SO4 F . 12.84 -6.60 -22.01
O1 SO4 F . 13.28 -7.88 -22.56
O2 SO4 F . 12.32 -6.82 -20.68
O3 SO4 F . 13.97 -5.71 -21.93
O4 SO4 F . 11.81 -6.05 -22.85
S SO4 G . -19.61 13.84 -16.79
O1 SO4 G . -18.73 13.62 -17.96
O2 SO4 G . -20.86 13.07 -16.95
O3 SO4 G . -18.92 13.42 -15.56
O4 SO4 G . -19.94 15.27 -16.72
S SO4 H . -32.51 25.61 -15.49
O1 SO4 H . -31.15 25.71 -15.98
O2 SO4 H . -33.22 24.59 -16.22
O3 SO4 H . -32.48 25.26 -14.09
O4 SO4 H . -33.18 26.87 -15.65
S SO4 I . -15.87 34.78 22.33
O1 SO4 I . -16.40 34.12 21.16
O2 SO4 I . -15.78 33.84 23.41
O3 SO4 I . -14.55 35.28 22.03
O4 SO4 I . -16.73 35.86 22.72
C4 RYA J . -29.60 14.65 9.20
C14 RYA J . -30.05 16.52 4.38
C5 RYA J . -29.50 14.44 6.53
C6 RYA J . -29.23 13.45 8.58
C11 RYA J . -29.18 15.82 1.87
C7 RYA J . -29.48 13.61 11.46
C8 RYA J . -31.04 17.93 8.17
C9 RYA J . -29.54 15.25 4.15
C10 RYA J . -29.11 14.90 2.88
C12 RYA J . -29.70 17.09 2.07
C13 RYA J . -30.12 17.41 3.35
N1 RYA J . -30.29 16.93 8.94
N2 RYA J . -29.66 14.79 10.61
C3 RYA J . -29.92 15.73 8.37
N3 RYA J . -29.88 15.62 7.04
C1 RYA J . -29.89 15.99 11.22
C2 RYA J . -29.94 17.23 10.34
N4 RYA J . -29.19 13.35 7.25
O1 RYA J . -30.04 16.08 12.43
N5 RYA J . -29.45 14.30 5.18
O2 RYA J . -29.77 17.97 1.07
F1 RYA J . -30.62 18.66 3.56
F2 RYA J . -28.77 15.47 0.63
C15 RYA J . -30.22 19.07 7.76
C16 RYA J . -29.57 19.99 7.40
C17 RYA J . -28.63 17.97 10.39
S SO4 K . -5.68 -19.71 32.89
O1 SO4 K . -5.68 -20.99 32.23
O2 SO4 K . -4.63 -19.68 33.86
O3 SO4 K . -6.94 -19.51 33.55
O4 SO4 K . -5.47 -18.67 31.92
S SO4 L . 12.99 -23.37 46.22
O1 SO4 L . 14.18 -23.36 45.42
O2 SO4 L . 11.92 -24.01 45.50
O3 SO4 L . 12.62 -22.01 46.54
O4 SO4 L . 13.25 -24.10 47.44
S SO4 M . -7.96 -22.40 17.22
O1 SO4 M . -7.48 -21.75 16.01
O2 SO4 M . -8.11 -23.80 16.95
O3 SO4 M . -7.03 -22.20 18.30
O4 SO4 M . -9.25 -21.87 17.60
S SO4 N . 8.01 -33.83 -22.42
O1 SO4 N . 7.08 -34.74 -23.13
O2 SO4 N . 9.11 -34.62 -21.81
O3 SO4 N . 8.59 -32.86 -23.37
O4 SO4 N . 7.28 -33.11 -21.36
C1 EDO O . -7.23 -45.22 12.64
O1 EDO O . -6.91 -45.01 14.01
C2 EDO O . -6.72 -46.51 12.11
O2 EDO O . -6.93 -47.62 12.98
C4 RYA P . -15.01 -26.30 -9.55
C14 RYA P . -14.32 -28.81 -5.08
C5 RYA P . -15.05 -26.47 -6.88
C6 RYA P . -15.57 -25.30 -8.76
C11 RYA P . -14.03 -28.11 -2.42
C7 RYA P . -15.49 -25.04 -11.65
C8 RYA P . -13.70 -29.75 -9.02
C9 RYA P . -14.63 -27.52 -4.64
C10 RYA P . -14.48 -27.18 -3.30
C12 RYA P . -13.71 -29.40 -2.82
C13 RYA P . -13.86 -29.72 -4.17
N1 RYA P . -13.92 -28.43 -9.62
N2 RYA P . -14.96 -26.22 -10.97
C3 RYA P . -14.48 -27.41 -8.89
N3 RYA P . -14.50 -27.50 -7.55
C1 RYA P . -14.43 -27.22 -11.73
C2 RYA P . -13.53 -28.21 -11.02
N4 RYA P . -15.59 -25.38 -7.44
O1 RYA P . -14.66 -27.32 -12.93
N5 RYA P . -15.10 -26.53 -5.53
O2 RYA P . -13.26 -30.31 -1.93
F1 RYA P . -13.56 -30.96 -4.57
F2 RYA P . -13.89 -27.78 -1.12
C15 RYA P . -14.25 -30.85 -9.83
C16 RYA P . -14.68 -31.74 -10.47
C17 RYA P . -12.08 -27.78 -11.09
#